data_1DTU
#
_entry.id   1DTU
#
_cell.length_a   120.445
_cell.length_b   111.160
_cell.length_c   65.758
_cell.angle_alpha   90.00
_cell.angle_beta   90.00
_cell.angle_gamma   90.00
#
_symmetry.space_group_name_H-M   'P 21 21 21'
#
loop_
_entity.id
_entity.type
_entity.pdbx_description
1 polymer 'PROTEIN (CYCLODEXTRIN GLYCOSYLTRANSFERASE)'
2 branched alpha-D-glucopyranose-(1-4)-alpha-D-glucopyranose
3 branched alpha-D-quinovopyranose-(1-4)-alpha-D-glucopyranose
4 branched alpha-D-glucopyranose-(1-4)-alpha-D-glucopyranose-(1-4)-alpha-D-glucopyranose
5 branched alpha-D-glucopyranose-(1-4)-alpha-D-glucopyranose-(1-4)-alpha-D-glucopyranose-(1-4)-alpha-D-glucopyranose-(1-4)-beta-D-glucopyranose
6 non-polymer 'CALCIUM ION'
7 non-polymer '1-AMINO-2,3-DIHYDROXY-5-HYDROXYMETHYL CYCLOHEX-5-ENE'
8 water water
#
_entity_poly.entity_id   1
_entity_poly.type   'polypeptide(L)'
_entity_poly.pdbx_seq_one_letter_code
;APDTSVSNKQNFSTDVIYQIFTDRFSDGNPANNPTGAAFDGTCTNLRLYCGGDWQGIINKINDGYLTGMGVTAIWISQPV
ENIYSIINDSGVNNTAYHGYWARDFKKTNPAYGTIADFQNLIAAAHAKNIKVIIDFAPNHTSPASPDQPSFAENGRLYDN
GTLLGGYTNDTQNLFHHNGGTDFSTTENGIYKNLYDLADLNHNNSTVDVYLKDAIKMWLDLGIDGIRMDAVKHMPFGWQK
SFMAAVNNYKPVFTFGEWFLGVNEVSPENHKFANESGMSLLDFRFAQKVRQVFRDNTDNMYGLKAMLEGSAADYAQVDDQ
VTFIDNHDMERFHASNANRRKLEQALAFTLTSRGVPAIYYGTEQYMSGGTDPDNRARIPSFSTSTTAYQVIQKLAPLRKC
NPAIAYGSTQERWINNDVLIYERKFGSNVAVVAVNRNLNAPASISGLVTSLPQGSYNDVLGGLLNGNTLSVGSGGAASNF
TLAAGGTAVWQYTAATATPTIGHVGPMMAKPGVTITIDGRGFGSSKGTVYFGTTAVSGADITSWEDTQIKVKIPAVAGGN
YNIKVANAAGTASNVYDNFEVLSGDQVSVRFVVNNATTALGQNVYLTGSVSELGNWDPAKAIGPMYNQVVYQYPNWYYDV
SVPAGKTIEFKFLKKQGSTVTWEGGSNHTFTAPSSGTATINVNWQP
;
_entity_poly.pdbx_strand_id   A
#
# COMPACT_ATOMS: atom_id res chain seq x y z
N ALA A 1 7.84 21.07 9.36
CA ALA A 1 6.65 20.68 10.08
C ALA A 1 6.86 19.37 10.81
N PRO A 2 5.95 19.06 11.74
CA PRO A 2 6.05 17.83 12.50
C PRO A 2 5.76 16.62 11.63
N ASP A 3 6.07 15.44 12.15
CA ASP A 3 5.83 14.22 11.43
C ASP A 3 4.36 13.98 11.15
N THR A 4 3.53 14.51 12.04
CA THR A 4 2.08 14.34 11.97
C THR A 4 1.36 15.35 11.09
N SER A 5 2.13 16.22 10.45
CA SER A 5 1.58 17.25 9.59
C SER A 5 0.91 16.68 8.33
N VAL A 6 -0.15 17.35 7.87
CA VAL A 6 -0.85 16.95 6.65
C VAL A 6 0.04 17.08 5.43
N SER A 7 1.07 17.90 5.55
CA SER A 7 2.01 18.11 4.47
C SER A 7 2.95 16.93 4.30
N ASN A 8 2.88 15.99 5.23
CA ASN A 8 3.73 14.82 5.18
C ASN A 8 3.24 13.78 4.20
N LYS A 9 3.74 13.84 2.97
CA LYS A 9 3.36 12.91 1.92
C LYS A 9 4.12 11.59 1.99
N GLN A 10 5.18 11.56 2.79
CA GLN A 10 6.05 10.41 2.92
C GLN A 10 5.63 9.43 4.01
N ASN A 11 4.73 9.85 4.90
CA ASN A 11 4.37 9.03 6.03
C ASN A 11 2.88 9.03 6.31
N PHE A 12 2.29 7.83 6.36
CA PHE A 12 0.88 7.68 6.65
C PHE A 12 0.62 6.90 7.93
N SER A 13 1.70 6.45 8.57
CA SER A 13 1.63 5.66 9.78
C SER A 13 0.83 6.31 10.91
N THR A 14 0.76 7.64 10.90
CA THR A 14 0.03 8.36 11.93
C THR A 14 -1.38 8.74 11.48
N ASP A 15 -1.73 8.33 10.26
CA ASP A 15 -3.03 8.65 9.71
C ASP A 15 -4.00 7.50 9.80
N VAL A 16 -5.22 7.81 9.39
CA VAL A 16 -6.31 6.87 9.28
C VAL A 16 -7.00 7.09 7.95
N ILE A 17 -6.87 6.10 7.08
CA ILE A 17 -7.43 6.17 5.75
C ILE A 17 -8.89 5.78 5.69
N TYR A 18 -9.65 6.56 4.93
CA TYR A 18 -11.06 6.30 4.73
C TYR A 18 -11.27 6.02 3.25
N GLN A 19 -11.54 4.76 2.91
CA GLN A 19 -11.71 4.36 1.54
C GLN A 19 -13.10 4.67 1.02
N ILE A 20 -13.15 5.56 0.04
CA ILE A 20 -14.40 6.04 -0.52
C ILE A 20 -14.65 5.61 -1.97
N PHE A 21 -15.78 4.96 -2.18
CA PHE A 21 -16.24 4.65 -3.52
C PHE A 21 -16.99 5.90 -3.94
N THR A 22 -16.31 6.73 -4.72
CA THR A 22 -16.80 8.03 -5.15
C THR A 22 -18.28 8.05 -5.51
N ASP A 23 -18.67 7.12 -6.38
CA ASP A 23 -20.03 7.03 -6.86
C ASP A 23 -21.05 6.70 -5.77
N ARG A 24 -20.60 5.95 -4.76
CA ARG A 24 -21.48 5.48 -3.72
C ARG A 24 -21.44 6.28 -2.43
N PHE A 25 -20.76 7.43 -2.46
CA PHE A 25 -20.62 8.26 -1.28
C PHE A 25 -21.61 9.41 -1.19
N SER A 26 -21.41 10.44 -2.02
CA SER A 26 -22.29 11.58 -2.01
C SER A 26 -22.29 12.39 -3.30
N ASP A 27 -23.48 12.54 -3.87
CA ASP A 27 -23.70 13.28 -5.10
C ASP A 27 -23.90 14.76 -4.82
N GLY A 28 -22.80 15.51 -4.82
CA GLY A 28 -22.83 16.94 -4.53
C GLY A 28 -23.17 17.80 -5.74
N ASN A 29 -23.10 17.23 -6.94
CA ASN A 29 -23.39 17.95 -8.15
C ASN A 29 -24.11 17.07 -9.15
N PRO A 30 -25.43 17.20 -9.14
CA PRO A 30 -26.31 16.41 -9.98
C PRO A 30 -26.17 16.69 -11.47
N ALA A 31 -25.55 17.81 -11.79
CA ALA A 31 -25.37 18.21 -13.18
C ALA A 31 -24.41 17.32 -13.96
N ASN A 32 -23.47 16.68 -13.27
CA ASN A 32 -22.51 15.82 -13.91
C ASN A 32 -22.91 14.36 -13.87
N ASN A 33 -24.16 14.10 -13.51
CA ASN A 33 -24.66 12.74 -13.42
C ASN A 33 -24.87 12.09 -14.78
N PRO A 34 -24.35 10.88 -14.96
CA PRO A 34 -24.56 10.19 -16.21
C PRO A 34 -26.05 10.02 -16.47
N THR A 35 -26.44 9.98 -17.75
CA THR A 35 -27.83 9.88 -18.11
C THR A 35 -28.18 8.56 -18.79
N GLY A 36 -29.48 8.35 -18.97
CA GLY A 36 -29.97 7.16 -19.63
C GLY A 36 -29.87 5.91 -18.79
N ALA A 37 -29.64 4.79 -19.47
CA ALA A 37 -29.54 3.47 -18.86
C ALA A 37 -28.25 3.27 -18.09
N ALA A 38 -27.43 4.33 -18.04
CA ALA A 38 -26.17 4.28 -17.31
C ALA A 38 -26.30 4.87 -15.92
N PHE A 39 -27.49 5.39 -15.62
CA PHE A 39 -27.71 6.04 -14.34
C PHE A 39 -28.88 5.49 -13.56
N ASP A 40 -28.73 5.52 -12.24
CA ASP A 40 -29.77 5.11 -11.30
C ASP A 40 -29.66 5.89 -10.00
N GLY A 41 -30.31 7.03 -9.96
CA GLY A 41 -30.29 7.90 -8.80
C GLY A 41 -30.72 7.20 -7.52
N THR A 42 -31.57 6.19 -7.65
CA THR A 42 -32.05 5.43 -6.51
C THR A 42 -31.02 4.44 -5.99
N CYS A 43 -29.94 4.29 -6.76
CA CYS A 43 -28.88 3.35 -6.42
C CYS A 43 -29.40 1.97 -6.07
N THR A 44 -30.42 1.54 -6.81
CA THR A 44 -30.98 0.21 -6.61
C THR A 44 -30.20 -0.78 -7.45
N ASN A 45 -29.84 -0.34 -8.64
CA ASN A 45 -29.01 -1.12 -9.55
C ASN A 45 -27.56 -0.73 -9.30
N LEU A 46 -26.88 -1.60 -8.55
CA LEU A 46 -25.52 -1.39 -8.11
C LEU A 46 -24.43 -1.48 -9.16
N ARG A 47 -24.81 -1.71 -10.41
CA ARG A 47 -23.85 -1.79 -11.50
C ARG A 47 -23.88 -0.56 -12.38
N LEU A 48 -24.71 0.41 -12.00
CA LEU A 48 -24.83 1.66 -12.72
C LEU A 48 -24.36 2.81 -11.85
N TYR A 49 -24.21 3.98 -12.48
CA TYR A 49 -23.82 5.17 -11.75
C TYR A 49 -24.96 5.63 -10.85
N CYS A 50 -24.61 6.03 -9.63
CA CYS A 50 -25.59 6.52 -8.68
C CYS A 50 -25.48 8.02 -8.50
N GLY A 51 -24.37 8.59 -8.99
CA GLY A 51 -24.17 10.02 -8.94
C GLY A 51 -23.05 10.52 -8.04
N GLY A 52 -22.47 9.65 -7.23
CA GLY A 52 -21.39 10.04 -6.33
C GLY A 52 -20.30 10.82 -7.03
N ASP A 53 -19.83 11.90 -6.40
CA ASP A 53 -18.82 12.75 -7.01
C ASP A 53 -17.90 13.43 -6.01
N TRP A 54 -16.89 14.13 -6.54
CA TRP A 54 -15.92 14.86 -5.75
C TRP A 54 -16.55 15.99 -4.94
N GLN A 55 -17.52 16.67 -5.55
CA GLN A 55 -18.22 17.74 -4.87
C GLN A 55 -18.86 17.23 -3.59
N GLY A 56 -19.46 16.05 -3.68
CA GLY A 56 -20.10 15.42 -2.55
C GLY A 56 -19.10 15.17 -1.44
N ILE A 57 -17.91 14.73 -1.86
CA ILE A 57 -16.83 14.46 -0.92
C ILE A 57 -16.43 15.73 -0.19
N ILE A 58 -16.35 16.83 -0.93
CA ILE A 58 -16.02 18.10 -0.35
C ILE A 58 -17.03 18.52 0.70
N ASN A 59 -18.30 18.29 0.39
CA ASN A 59 -19.39 18.63 1.29
C ASN A 59 -19.28 17.91 2.62
N LYS A 60 -18.92 16.63 2.56
CA LYS A 60 -18.80 15.80 3.74
C LYS A 60 -17.57 16.14 4.57
N ILE A 61 -16.61 16.80 3.93
CA ILE A 61 -15.41 17.23 4.62
C ILE A 61 -15.72 18.51 5.36
N ASN A 62 -16.48 19.37 4.69
CA ASN A 62 -16.85 20.66 5.22
C ASN A 62 -17.97 20.62 6.25
N ASP A 63 -18.74 19.55 6.24
CA ASP A 63 -19.83 19.45 7.20
C ASP A 63 -19.47 18.74 8.50
N GLY A 64 -18.29 18.11 8.52
CA GLY A 64 -17.80 17.47 9.73
C GLY A 64 -17.93 15.96 9.82
N TYR A 65 -18.48 15.32 8.79
CA TYR A 65 -18.63 13.87 8.86
C TYR A 65 -17.32 13.13 9.06
N LEU A 66 -16.36 13.40 8.19
CA LEU A 66 -15.06 12.74 8.22
C LEU A 66 -14.15 13.27 9.32
N THR A 67 -14.15 14.58 9.50
CA THR A 67 -13.31 15.18 10.52
C THR A 67 -13.73 14.77 11.92
N GLY A 68 -15.04 14.73 12.15
CA GLY A 68 -15.56 14.34 13.45
C GLY A 68 -15.24 12.89 13.80
N MET A 69 -14.97 12.09 12.78
CA MET A 69 -14.65 10.69 12.95
C MET A 69 -13.19 10.47 13.32
N GLY A 70 -12.32 11.38 12.93
CA GLY A 70 -10.91 11.25 13.23
C GLY A 70 -10.08 10.84 12.02
N VAL A 71 -10.75 10.74 10.88
CA VAL A 71 -10.13 10.37 9.61
C VAL A 71 -9.18 11.47 9.11
N THR A 72 -7.95 11.08 8.78
CA THR A 72 -6.96 12.04 8.36
C THR A 72 -6.46 11.81 6.94
N ALA A 73 -7.17 10.95 6.22
CA ALA A 73 -6.83 10.65 4.84
C ALA A 73 -8.01 9.97 4.16
N ILE A 74 -8.12 10.20 2.86
CA ILE A 74 -9.16 9.58 2.08
C ILE A 74 -8.57 8.96 0.83
N TRP A 75 -9.01 7.75 0.54
CA TRP A 75 -8.58 7.06 -0.65
C TRP A 75 -9.80 6.96 -1.56
N ILE A 76 -9.71 7.64 -2.70
CA ILE A 76 -10.80 7.71 -3.66
C ILE A 76 -10.58 6.82 -4.87
N SER A 77 -11.65 6.57 -5.63
CA SER A 77 -11.59 5.75 -6.84
C SER A 77 -10.70 6.37 -7.89
N GLN A 78 -10.33 5.59 -8.91
CA GLN A 78 -9.49 6.12 -9.97
C GLN A 78 -10.15 7.34 -10.60
N PRO A 79 -9.42 8.44 -10.68
CA PRO A 79 -9.95 9.69 -11.17
C PRO A 79 -9.95 9.86 -12.68
N VAL A 80 -9.15 9.02 -13.35
CA VAL A 80 -9.00 9.07 -14.79
C VAL A 80 -10.23 8.68 -15.57
N GLU A 81 -10.31 9.19 -16.80
CA GLU A 81 -11.43 8.97 -17.70
C GLU A 81 -11.66 7.49 -18.00
N ASN A 82 -12.88 7.03 -17.75
CA ASN A 82 -13.25 5.66 -17.98
C ASN A 82 -14.08 5.51 -19.25
N ILE A 83 -14.26 4.26 -19.70
CA ILE A 83 -15.06 4.01 -20.87
C ILE A 83 -16.48 4.48 -20.63
N TYR A 84 -17.12 4.94 -21.70
CA TYR A 84 -18.47 5.44 -21.59
C TYR A 84 -19.51 4.37 -21.92
N SER A 85 -19.06 3.30 -22.56
CA SER A 85 -19.93 2.22 -23.00
C SER A 85 -20.51 1.38 -21.87
N ILE A 86 -21.79 1.06 -22.04
CA ILE A 86 -22.54 0.22 -21.12
C ILE A 86 -22.37 -1.23 -21.53
N ILE A 87 -21.54 -1.98 -20.81
CA ILE A 87 -21.29 -3.37 -21.12
C ILE A 87 -22.43 -4.27 -20.65
N ASN A 88 -23.05 -4.97 -21.60
CA ASN A 88 -24.16 -5.85 -21.27
C ASN A 88 -23.72 -7.29 -21.11
N ASP A 89 -23.78 -7.78 -19.88
CA ASP A 89 -23.42 -9.16 -19.60
C ASP A 89 -24.62 -10.04 -19.35
N SER A 90 -24.97 -10.84 -20.35
CA SER A 90 -26.09 -11.76 -20.24
C SER A 90 -27.36 -11.10 -19.72
N GLY A 91 -27.53 -9.82 -20.05
CA GLY A 91 -28.73 -9.11 -19.61
C GLY A 91 -28.45 -8.09 -18.53
N VAL A 92 -27.28 -8.18 -17.91
CA VAL A 92 -26.89 -7.25 -16.87
C VAL A 92 -26.05 -6.10 -17.42
N ASN A 93 -26.59 -4.90 -17.29
CA ASN A 93 -25.91 -3.70 -17.73
C ASN A 93 -24.81 -3.31 -16.76
N ASN A 94 -23.64 -3.03 -17.28
CA ASN A 94 -22.51 -2.65 -16.45
C ASN A 94 -21.87 -1.35 -16.91
N THR A 95 -21.46 -0.55 -15.93
CA THR A 95 -20.80 0.71 -16.17
C THR A 95 -19.49 0.80 -15.41
N ALA A 96 -18.66 1.78 -15.79
CA ALA A 96 -17.35 1.98 -15.17
C ALA A 96 -17.43 2.87 -13.94
N TYR A 97 -18.53 2.75 -13.21
CA TYR A 97 -18.74 3.53 -12.00
C TYR A 97 -17.62 3.37 -11.00
N HIS A 98 -16.92 2.24 -11.06
CA HIS A 98 -15.84 1.94 -10.14
C HIS A 98 -14.54 2.67 -10.45
N GLY A 99 -14.41 3.11 -11.70
CA GLY A 99 -13.23 3.83 -12.17
C GLY A 99 -12.06 2.96 -12.57
N TYR A 100 -12.24 1.64 -12.65
CA TYR A 100 -11.16 0.72 -12.96
C TYR A 100 -10.96 0.42 -14.44
N TRP A 101 -11.83 0.97 -15.28
CA TRP A 101 -11.76 0.75 -16.72
C TRP A 101 -11.26 1.98 -17.45
N ALA A 102 -9.97 2.29 -17.28
CA ALA A 102 -9.37 3.47 -17.86
C ALA A 102 -9.35 3.52 -19.38
N ARG A 103 -9.55 4.73 -19.89
CA ARG A 103 -9.54 4.98 -21.31
C ARG A 103 -8.55 6.10 -21.65
N ASP A 104 -8.32 6.97 -20.67
CA ASP A 104 -7.39 8.09 -20.79
C ASP A 104 -6.88 8.49 -19.41
N PHE A 105 -5.62 8.21 -19.14
CA PHE A 105 -5.01 8.51 -17.85
C PHE A 105 -4.65 9.98 -17.65
N LYS A 106 -4.85 10.80 -18.67
CA LYS A 106 -4.54 12.22 -18.60
C LYS A 106 -5.77 13.10 -18.50
N LYS A 107 -6.91 12.44 -18.30
CA LYS A 107 -8.17 13.14 -18.18
C LYS A 107 -8.93 12.60 -16.97
N THR A 108 -9.90 13.36 -16.52
CA THR A 108 -10.71 12.93 -15.39
C THR A 108 -12.01 12.29 -15.85
N ASN A 109 -12.59 11.49 -14.97
CA ASN A 109 -13.89 10.88 -15.22
C ASN A 109 -14.93 11.95 -14.95
N PRO A 110 -15.58 12.40 -16.02
CA PRO A 110 -16.56 13.48 -15.95
C PRO A 110 -17.66 13.27 -14.92
N ALA A 111 -17.99 12.02 -14.64
CA ALA A 111 -19.02 11.73 -13.65
C ALA A 111 -18.57 12.22 -12.27
N TYR A 112 -17.29 12.01 -11.97
CA TYR A 112 -16.71 12.44 -10.71
C TYR A 112 -16.55 13.95 -10.68
N GLY A 113 -16.08 14.51 -11.79
CA GLY A 113 -15.91 15.95 -11.88
C GLY A 113 -14.85 16.36 -12.89
N THR A 114 -14.57 17.67 -12.90
CA THR A 114 -13.58 18.26 -13.77
C THR A 114 -12.25 18.38 -13.05
N ILE A 115 -11.23 18.86 -13.77
CA ILE A 115 -9.92 19.04 -13.17
C ILE A 115 -9.99 20.08 -12.07
N ALA A 116 -10.90 21.03 -12.25
CA ALA A 116 -11.11 22.09 -11.29
C ALA A 116 -11.76 21.57 -10.02
N ASP A 117 -12.66 20.60 -10.18
CA ASP A 117 -13.30 19.97 -9.05
C ASP A 117 -12.29 19.16 -8.26
N PHE A 118 -11.34 18.57 -8.98
CA PHE A 118 -10.28 17.79 -8.38
C PHE A 118 -9.36 18.66 -7.56
N GLN A 119 -9.00 19.80 -8.14
CA GLN A 119 -8.14 20.77 -7.47
C GLN A 119 -8.81 21.30 -6.21
N ASN A 120 -10.13 21.48 -6.30
CA ASN A 120 -10.92 21.95 -5.18
C ASN A 120 -10.96 20.90 -4.08
N LEU A 121 -10.98 19.65 -4.51
CA LEU A 121 -11.00 18.53 -3.58
C LEU A 121 -9.74 18.49 -2.74
N ILE A 122 -8.61 18.68 -3.40
CA ILE A 122 -7.31 18.68 -2.77
C ILE A 122 -7.18 19.82 -1.76
N ALA A 123 -7.68 20.99 -2.14
CA ALA A 123 -7.64 22.17 -1.30
C ALA A 123 -8.50 22.01 -0.06
N ALA A 124 -9.78 21.68 -0.27
CA ALA A 124 -10.70 21.49 0.83
C ALA A 124 -10.17 20.46 1.82
N ALA A 125 -9.72 19.32 1.28
CA ALA A 125 -9.16 18.27 2.10
C ALA A 125 -8.01 18.79 2.94
N HIS A 126 -6.96 19.23 2.25
CA HIS A 126 -5.77 19.76 2.90
C HIS A 126 -6.11 20.78 3.98
N ALA A 127 -7.13 21.59 3.72
CA ALA A 127 -7.55 22.61 4.67
C ALA A 127 -8.03 22.01 5.98
N LYS A 128 -8.54 20.78 5.93
CA LYS A 128 -9.02 20.10 7.11
C LYS A 128 -8.04 19.04 7.59
N ASN A 129 -6.79 19.17 7.16
CA ASN A 129 -5.73 18.25 7.52
C ASN A 129 -6.00 16.82 7.07
N ILE A 130 -6.60 16.70 5.90
CA ILE A 130 -6.92 15.41 5.30
C ILE A 130 -6.10 15.17 4.04
N LYS A 131 -5.35 14.08 4.03
CA LYS A 131 -4.52 13.70 2.90
C LYS A 131 -5.35 13.00 1.83
N VAL A 132 -4.97 13.20 0.57
CA VAL A 132 -5.68 12.61 -0.55
C VAL A 132 -4.88 11.53 -1.26
N ILE A 133 -5.47 10.33 -1.35
CA ILE A 133 -4.85 9.20 -2.01
C ILE A 133 -5.70 8.79 -3.21
N ILE A 134 -5.06 8.52 -4.34
CA ILE A 134 -5.80 8.12 -5.51
C ILE A 134 -5.50 6.69 -5.92
N ASP A 135 -6.52 6.02 -6.44
CA ASP A 135 -6.31 4.69 -6.98
C ASP A 135 -5.69 4.86 -8.36
N PHE A 136 -4.73 4.00 -8.71
CA PHE A 136 -4.07 4.05 -10.00
C PHE A 136 -3.94 2.63 -10.54
N ALA A 137 -4.57 2.36 -11.68
CA ALA A 137 -4.58 1.02 -12.27
C ALA A 137 -3.95 0.95 -13.65
N PRO A 138 -2.62 0.96 -13.70
CA PRO A 138 -1.89 0.95 -14.96
C PRO A 138 -1.62 -0.44 -15.52
N ASN A 139 -2.35 -1.43 -15.03
CA ASN A 139 -2.12 -2.78 -15.53
C ASN A 139 -2.88 -3.04 -16.82
N HIS A 140 -4.00 -2.35 -16.99
CA HIS A 140 -4.87 -2.57 -18.13
C HIS A 140 -5.70 -1.34 -18.43
N THR A 141 -6.55 -1.47 -19.44
CA THR A 141 -7.46 -0.40 -19.81
C THR A 141 -8.88 -0.77 -19.46
N SER A 142 -9.55 -1.45 -20.40
CA SER A 142 -10.93 -1.87 -20.21
C SER A 142 -11.17 -3.27 -20.78
N PRO A 143 -12.41 -3.74 -20.65
CA PRO A 143 -12.76 -5.04 -21.18
C PRO A 143 -12.87 -4.97 -22.69
N ALA A 144 -12.13 -5.85 -23.37
CA ALA A 144 -12.14 -5.85 -24.81
C ALA A 144 -12.12 -7.25 -25.38
N SER A 145 -12.53 -7.35 -26.64
CA SER A 145 -12.54 -8.60 -27.37
C SER A 145 -11.82 -8.45 -28.70
N PRO A 146 -10.71 -9.15 -28.87
CA PRO A 146 -9.94 -9.07 -30.09
C PRO A 146 -10.80 -9.48 -31.26
N ASP A 147 -11.76 -10.35 -30.95
CA ASP A 147 -12.71 -10.89 -31.90
C ASP A 147 -13.72 -9.85 -32.34
N GLN A 148 -14.52 -9.41 -31.38
CA GLN A 148 -15.55 -8.41 -31.62
C GLN A 148 -15.10 -7.04 -31.18
N PRO A 149 -14.58 -6.28 -32.14
CA PRO A 149 -14.08 -4.94 -31.89
C PRO A 149 -15.21 -3.98 -31.53
N SER A 150 -16.44 -4.46 -31.70
CA SER A 150 -17.61 -3.67 -31.38
C SER A 150 -17.94 -3.78 -29.89
N PHE A 151 -17.26 -4.71 -29.22
CA PHE A 151 -17.46 -4.94 -27.80
C PHE A 151 -16.81 -3.88 -26.93
N ALA A 152 -17.63 -3.17 -26.16
CA ALA A 152 -17.13 -2.10 -25.30
C ALA A 152 -16.38 -1.06 -26.11
N GLU A 153 -15.20 -0.68 -25.64
CA GLU A 153 -14.37 0.29 -26.35
C GLU A 153 -13.11 -0.36 -26.88
N ASN A 154 -13.19 -1.67 -27.10
CA ASN A 154 -12.08 -2.43 -27.61
C ASN A 154 -10.81 -2.20 -26.81
N GLY A 155 -11.00 -1.81 -25.55
CA GLY A 155 -9.90 -1.54 -24.65
C GLY A 155 -9.04 -0.38 -25.13
N ARG A 156 -9.65 0.48 -25.95
CA ARG A 156 -8.96 1.62 -26.52
C ARG A 156 -8.24 2.50 -25.51
N LEU A 157 -7.02 2.89 -25.88
CA LEU A 157 -6.18 3.73 -25.05
C LEU A 157 -5.95 5.07 -25.73
N TYR A 158 -6.26 6.15 -25.02
CA TYR A 158 -6.09 7.49 -25.52
C TYR A 158 -5.04 8.26 -24.73
N ASP A 159 -4.41 9.21 -25.40
CA ASP A 159 -3.43 10.07 -24.77
C ASP A 159 -3.94 11.49 -24.83
N ASN A 160 -4.75 11.86 -23.85
CA ASN A 160 -5.32 13.19 -23.81
C ASN A 160 -6.19 13.46 -25.04
N GLY A 161 -7.09 12.53 -25.32
CA GLY A 161 -8.01 12.66 -26.44
C GLY A 161 -7.50 12.03 -27.72
N THR A 162 -6.19 11.86 -27.81
CA THR A 162 -5.56 11.29 -28.98
C THR A 162 -5.49 9.77 -28.90
N LEU A 163 -6.23 9.10 -29.78
CA LEU A 163 -6.25 7.65 -29.77
C LEU A 163 -4.89 7.04 -30.04
N LEU A 164 -4.43 6.23 -29.09
CA LEU A 164 -3.15 5.55 -29.23
C LEU A 164 -3.32 4.22 -29.94
N GLY A 165 -4.31 3.44 -29.49
CA GLY A 165 -4.57 2.14 -30.08
C GLY A 165 -5.70 1.38 -29.39
N GLY A 166 -6.05 0.25 -29.98
CA GLY A 166 -7.10 -0.61 -29.46
C GLY A 166 -6.64 -2.05 -29.37
N TYR A 167 -7.40 -2.87 -28.67
CA TYR A 167 -7.04 -4.27 -28.51
C TYR A 167 -7.06 -5.04 -29.82
N THR A 168 -7.97 -4.64 -30.71
CA THR A 168 -8.08 -5.27 -32.02
C THR A 168 -7.21 -4.53 -33.04
N ASN A 169 -6.39 -5.29 -33.77
CA ASN A 169 -5.51 -4.70 -34.76
C ASN A 169 -4.31 -4.00 -34.13
N ASP A 170 -3.91 -4.53 -32.97
CA ASP A 170 -2.80 -4.01 -32.21
C ASP A 170 -1.48 -4.26 -32.91
N THR A 171 -1.22 -3.43 -33.92
CA THR A 171 -0.01 -3.50 -34.70
C THR A 171 1.20 -2.96 -33.97
N GLN A 172 0.97 -1.97 -33.11
CA GLN A 172 2.02 -1.35 -32.32
C GLN A 172 2.46 -2.27 -31.19
N ASN A 173 1.55 -3.15 -30.79
CA ASN A 173 1.80 -4.07 -29.70
C ASN A 173 1.78 -3.38 -28.35
N LEU A 174 0.75 -2.58 -28.16
CA LEU A 174 0.56 -1.86 -26.91
C LEU A 174 0.10 -2.82 -25.84
N PHE A 175 -0.60 -3.87 -26.27
CA PHE A 175 -1.17 -4.84 -25.36
C PHE A 175 -0.56 -6.23 -25.47
N HIS A 176 -0.93 -7.08 -24.53
CA HIS A 176 -0.52 -8.47 -24.51
C HIS A 176 -1.59 -9.30 -25.19
N HIS A 177 -1.19 -10.22 -26.05
CA HIS A 177 -2.12 -11.11 -26.74
C HIS A 177 -1.76 -12.54 -26.42
N ASN A 178 -1.80 -12.87 -25.13
CA ASN A 178 -1.42 -14.18 -24.64
C ASN A 178 -2.58 -14.97 -24.05
N GLY A 179 -3.79 -14.45 -24.18
CA GLY A 179 -4.94 -15.12 -23.62
C GLY A 179 -5.27 -14.58 -22.25
N GLY A 180 -5.96 -15.38 -21.44
CA GLY A 180 -6.35 -14.98 -20.10
C GLY A 180 -5.70 -15.83 -19.01
N THR A 181 -5.46 -15.19 -17.86
CA THR A 181 -4.85 -15.85 -16.73
C THR A 181 -5.84 -16.70 -15.95
N ASP A 182 -5.31 -17.77 -15.38
CA ASP A 182 -6.07 -18.67 -14.54
C ASP A 182 -5.53 -18.60 -13.13
N PHE A 183 -4.69 -17.58 -12.91
CA PHE A 183 -4.04 -17.36 -11.63
C PHE A 183 -3.17 -18.55 -11.26
N SER A 184 -2.96 -19.45 -12.22
CA SER A 184 -2.14 -20.63 -11.99
C SER A 184 -0.78 -20.29 -11.41
N THR A 185 -0.03 -19.44 -12.10
CA THR A 185 1.27 -19.01 -11.62
C THR A 185 1.36 -17.50 -11.60
N THR A 186 2.44 -16.98 -11.01
CA THR A 186 2.63 -15.55 -10.95
C THR A 186 2.85 -14.99 -12.34
N GLU A 187 3.75 -15.65 -13.08
CA GLU A 187 4.08 -15.28 -14.44
C GLU A 187 2.86 -15.32 -15.34
N ASN A 188 2.01 -16.31 -15.10
CA ASN A 188 0.78 -16.50 -15.85
C ASN A 188 -0.17 -15.33 -15.64
N GLY A 189 -0.32 -14.91 -14.39
CA GLY A 189 -1.19 -13.82 -14.04
C GLY A 189 -0.61 -12.45 -14.40
N ILE A 190 0.66 -12.44 -14.79
CA ILE A 190 1.35 -11.22 -15.16
C ILE A 190 1.25 -10.85 -16.63
N TYR A 191 1.57 -11.81 -17.50
CA TYR A 191 1.59 -11.57 -18.93
C TYR A 191 0.31 -11.95 -19.68
N LYS A 192 -0.69 -12.40 -18.95
CA LYS A 192 -1.97 -12.73 -19.55
C LYS A 192 -3.02 -11.77 -19.02
N ASN A 193 -4.11 -11.65 -19.75
CA ASN A 193 -5.20 -10.75 -19.39
C ASN A 193 -5.83 -11.05 -18.04
N LEU A 194 -6.06 -9.98 -17.28
CA LEU A 194 -6.77 -10.09 -16.02
C LEU A 194 -8.25 -10.07 -16.32
N TYR A 195 -8.85 -11.25 -16.42
CA TYR A 195 -10.24 -11.32 -16.81
C TYR A 195 -10.33 -11.03 -18.30
N ASP A 196 -11.10 -10.03 -18.67
CA ASP A 196 -11.21 -9.65 -20.08
C ASP A 196 -10.64 -8.24 -20.32
N LEU A 197 -9.87 -7.76 -19.34
CA LEU A 197 -9.28 -6.42 -19.42
C LEU A 197 -8.05 -6.39 -20.31
N ALA A 198 -8.05 -5.52 -21.30
CA ALA A 198 -6.92 -5.41 -22.21
C ALA A 198 -5.62 -5.17 -21.45
N ASP A 199 -4.76 -6.19 -21.44
CA ASP A 199 -3.50 -6.14 -20.71
C ASP A 199 -2.47 -5.26 -21.40
N LEU A 200 -2.01 -4.24 -20.66
CA LEU A 200 -1.01 -3.34 -21.18
C LEU A 200 0.37 -3.97 -21.22
N ASN A 201 1.10 -3.63 -22.27
CA ASN A 201 2.45 -4.10 -22.49
C ASN A 201 3.44 -3.04 -22.05
N HIS A 202 3.94 -3.18 -20.82
CA HIS A 202 4.87 -2.23 -20.26
C HIS A 202 6.25 -2.27 -20.89
N ASN A 203 6.50 -3.28 -21.70
CA ASN A 203 7.78 -3.39 -22.39
C ASN A 203 7.78 -2.55 -23.66
N ASN A 204 6.66 -1.88 -23.89
CA ASN A 204 6.52 -1.00 -25.04
C ASN A 204 6.79 0.43 -24.62
N SER A 205 7.87 1.01 -25.13
CA SER A 205 8.30 2.36 -24.80
C SER A 205 7.17 3.38 -24.74
N THR A 206 6.21 3.24 -25.66
CA THR A 206 5.06 4.13 -25.73
C THR A 206 4.21 4.06 -24.47
N VAL A 207 3.93 2.83 -24.04
CA VAL A 207 3.14 2.58 -22.85
C VAL A 207 3.91 2.99 -21.61
N ASP A 208 5.19 2.61 -21.60
CA ASP A 208 6.11 2.92 -20.52
C ASP A 208 6.20 4.41 -20.26
N VAL A 209 6.52 5.15 -21.31
CA VAL A 209 6.65 6.60 -21.20
C VAL A 209 5.34 7.28 -20.87
N TYR A 210 4.27 6.83 -21.54
CA TYR A 210 2.94 7.39 -21.34
C TYR A 210 2.47 7.28 -19.90
N LEU A 211 2.63 6.10 -19.31
CA LEU A 211 2.21 5.88 -17.94
C LEU A 211 3.02 6.71 -16.96
N LYS A 212 4.33 6.79 -17.20
CA LYS A 212 5.21 7.56 -16.33
C LYS A 212 4.92 9.05 -16.41
N ASP A 213 4.37 9.50 -17.54
CA ASP A 213 4.04 10.90 -17.72
C ASP A 213 2.68 11.23 -17.15
N ALA A 214 1.77 10.26 -17.21
CA ALA A 214 0.42 10.45 -16.68
C ALA A 214 0.43 10.69 -15.19
N ILE A 215 1.18 9.85 -14.46
CA ILE A 215 1.28 9.97 -13.02
C ILE A 215 1.89 11.28 -12.58
N LYS A 216 2.84 11.78 -13.36
CA LYS A 216 3.48 13.06 -13.06
C LYS A 216 2.50 14.20 -13.03
N MET A 217 1.47 14.11 -13.87
CA MET A 217 0.43 15.12 -13.91
C MET A 217 -0.36 15.12 -12.61
N TRP A 218 -0.71 13.93 -12.15
CA TRP A 218 -1.44 13.77 -10.91
C TRP A 218 -0.63 14.23 -9.73
N LEU A 219 0.67 13.94 -9.79
CA LEU A 219 1.60 14.36 -8.77
C LEU A 219 1.59 15.89 -8.68
N ASP A 220 1.55 16.51 -9.85
CA ASP A 220 1.52 17.96 -9.96
C ASP A 220 0.22 18.54 -9.46
N LEU A 221 -0.83 17.71 -9.48
CA LEU A 221 -2.14 18.12 -9.03
C LEU A 221 -2.25 18.17 -7.50
N GLY A 222 -1.21 17.70 -6.82
CA GLY A 222 -1.15 17.78 -5.38
C GLY A 222 -1.54 16.54 -4.57
N ILE A 223 -1.60 15.37 -5.20
CA ILE A 223 -1.96 14.18 -4.45
C ILE A 223 -0.93 13.86 -3.37
N ASP A 224 -1.35 13.18 -2.32
CA ASP A 224 -0.44 12.84 -1.23
C ASP A 224 -0.03 11.38 -1.20
N GLY A 225 -0.66 10.56 -2.03
CA GLY A 225 -0.34 9.14 -2.06
C GLY A 225 -1.06 8.42 -3.19
N ILE A 226 -0.60 7.20 -3.46
CA ILE A 226 -1.17 6.39 -4.52
C ILE A 226 -1.40 4.95 -4.10
N ARG A 227 -2.56 4.42 -4.48
CA ARG A 227 -2.83 3.01 -4.28
C ARG A 227 -2.73 2.33 -5.62
N MET A 228 -1.71 1.50 -5.77
CA MET A 228 -1.46 0.79 -7.01
C MET A 228 -2.32 -0.46 -7.14
N ASP A 229 -3.13 -0.47 -8.19
CA ASP A 229 -4.02 -1.57 -8.47
C ASP A 229 -3.33 -2.75 -9.13
N ALA A 230 -3.75 -3.95 -8.73
CA ALA A 230 -3.28 -5.21 -9.29
C ALA A 230 -1.78 -5.31 -9.48
N VAL A 231 -1.02 -5.06 -8.42
CA VAL A 231 0.43 -5.11 -8.48
C VAL A 231 1.00 -6.48 -8.78
N LYS A 232 0.25 -7.54 -8.45
CA LYS A 232 0.74 -8.87 -8.72
C LYS A 232 0.57 -9.25 -10.18
N HIS A 233 -0.08 -8.35 -10.93
CA HIS A 233 -0.38 -8.56 -12.34
C HIS A 233 0.50 -7.77 -13.30
N MET A 234 1.50 -7.09 -12.76
CA MET A 234 2.44 -6.32 -13.57
C MET A 234 3.86 -6.74 -13.24
N PRO A 235 4.75 -6.61 -14.23
CA PRO A 235 6.14 -6.95 -13.99
C PRO A 235 6.69 -6.17 -12.82
N PHE A 236 7.37 -6.88 -11.94
CA PHE A 236 7.95 -6.26 -10.77
C PHE A 236 9.03 -5.25 -11.14
N GLY A 237 9.85 -5.62 -12.14
CA GLY A 237 10.92 -4.79 -12.62
C GLY A 237 10.43 -3.46 -13.18
N TRP A 238 9.32 -3.49 -13.90
CA TRP A 238 8.77 -2.28 -14.47
C TRP A 238 8.21 -1.37 -13.38
N GLN A 239 7.58 -2.00 -12.38
CA GLN A 239 6.99 -1.28 -11.27
C GLN A 239 8.05 -0.54 -10.47
N LYS A 240 9.19 -1.19 -10.27
CA LYS A 240 10.30 -0.57 -9.58
C LYS A 240 10.73 0.68 -10.33
N SER A 241 10.93 0.52 -11.63
CA SER A 241 11.33 1.63 -12.50
C SER A 241 10.28 2.72 -12.45
N PHE A 242 9.04 2.30 -12.21
CA PHE A 242 7.93 3.22 -12.09
C PHE A 242 7.99 3.98 -10.77
N MET A 243 8.33 3.25 -9.71
CA MET A 243 8.45 3.86 -8.40
C MET A 243 9.57 4.88 -8.36
N ALA A 244 10.66 4.56 -9.06
CA ALA A 244 11.81 5.43 -9.16
C ALA A 244 11.46 6.71 -9.90
N ALA A 245 10.54 6.59 -10.87
CA ALA A 245 10.09 7.75 -11.61
C ALA A 245 9.37 8.73 -10.70
N VAL A 246 8.54 8.17 -9.83
CA VAL A 246 7.80 8.94 -8.85
C VAL A 246 8.73 9.53 -7.81
N ASN A 247 9.51 8.65 -7.19
CA ASN A 247 10.43 9.03 -6.13
C ASN A 247 11.46 10.08 -6.54
N ASN A 248 12.03 9.92 -7.73
CA ASN A 248 13.05 10.83 -8.23
C ASN A 248 12.44 12.12 -8.76
N TYR A 249 11.13 12.25 -8.58
CA TYR A 249 10.41 13.41 -9.07
C TYR A 249 9.69 14.13 -7.93
N LYS A 250 8.64 13.47 -7.44
CA LYS A 250 7.84 13.95 -6.33
C LYS A 250 7.37 12.76 -5.50
N PRO A 251 8.18 12.39 -4.52
CA PRO A 251 7.86 11.26 -3.67
C PRO A 251 6.53 11.40 -2.97
N VAL A 252 5.80 10.29 -2.90
CA VAL A 252 4.52 10.20 -2.23
C VAL A 252 4.29 8.77 -1.76
N PHE A 253 3.58 8.64 -0.64
CA PHE A 253 3.29 7.33 -0.09
C PHE A 253 2.58 6.46 -1.12
N THR A 254 3.19 5.32 -1.43
CA THR A 254 2.63 4.41 -2.41
C THR A 254 2.52 2.99 -1.87
N PHE A 255 1.32 2.42 -2.03
CA PHE A 255 1.06 1.06 -1.62
C PHE A 255 0.24 0.38 -2.70
N GLY A 256 0.55 -0.88 -2.96
CA GLY A 256 -0.16 -1.57 -4.01
C GLY A 256 -1.00 -2.73 -3.50
N GLU A 257 -1.85 -3.22 -4.39
CA GLU A 257 -2.72 -4.34 -4.05
C GLU A 257 -2.18 -5.66 -4.59
N TRP A 258 -1.81 -6.53 -3.66
CA TRP A 258 -1.37 -7.87 -3.96
C TRP A 258 -2.30 -8.82 -3.22
N PHE A 259 -3.35 -9.25 -3.92
CA PHE A 259 -4.39 -10.10 -3.37
C PHE A 259 -3.90 -11.41 -2.77
N LEU A 260 -4.18 -11.59 -1.48
CA LEU A 260 -3.84 -12.80 -0.77
C LEU A 260 -5.10 -13.45 -0.23
N GLY A 261 -5.16 -14.77 -0.33
CA GLY A 261 -6.32 -15.49 0.15
C GLY A 261 -6.14 -15.92 1.59
N VAL A 262 -7.14 -16.61 2.13
CA VAL A 262 -7.09 -17.09 3.49
C VAL A 262 -5.96 -18.07 3.70
N ASN A 263 -5.15 -17.81 4.72
CA ASN A 263 -4.03 -18.67 5.03
C ASN A 263 -2.97 -18.71 3.94
N GLU A 264 -3.03 -17.74 3.04
CA GLU A 264 -2.06 -17.65 1.97
C GLU A 264 -0.91 -16.73 2.35
N VAL A 265 0.29 -17.27 2.35
CA VAL A 265 1.48 -16.50 2.68
C VAL A 265 2.51 -16.61 1.57
N SER A 266 2.72 -15.51 0.86
CA SER A 266 3.62 -15.49 -0.26
C SER A 266 4.95 -14.81 0.03
N PRO A 267 6.03 -15.52 -0.29
CA PRO A 267 7.37 -15.00 -0.13
C PRO A 267 7.66 -14.00 -1.24
N GLU A 268 6.91 -14.12 -2.32
CA GLU A 268 7.02 -13.22 -3.45
C GLU A 268 6.47 -11.87 -3.04
N ASN A 269 5.38 -11.96 -2.28
CA ASN A 269 4.70 -10.80 -1.73
C ASN A 269 5.63 -10.00 -0.84
N HIS A 270 6.35 -10.72 0.03
CA HIS A 270 7.28 -10.12 0.96
C HIS A 270 8.42 -9.41 0.26
N LYS A 271 9.00 -10.08 -0.74
CA LYS A 271 10.09 -9.53 -1.51
C LYS A 271 9.68 -8.26 -2.25
N PHE A 272 8.46 -8.27 -2.79
CA PHE A 272 7.94 -7.13 -3.52
C PHE A 272 7.88 -5.89 -2.63
N ALA A 273 7.30 -6.07 -1.44
CA ALA A 273 7.16 -4.99 -0.49
C ALA A 273 8.51 -4.49 0.00
N ASN A 274 9.45 -5.42 0.11
CA ASN A 274 10.78 -5.13 0.60
C ASN A 274 11.74 -4.52 -0.42
N GLU A 275 11.49 -4.71 -1.71
CA GLU A 275 12.44 -4.23 -2.69
C GLU A 275 11.88 -3.39 -3.83
N SER A 276 10.56 -3.33 -3.97
CA SER A 276 9.96 -2.62 -5.08
C SER A 276 9.96 -1.11 -4.97
N GLY A 277 10.05 -0.59 -3.75
CA GLY A 277 10.01 0.84 -3.55
C GLY A 277 8.60 1.27 -3.20
N MET A 278 7.76 0.28 -2.89
CA MET A 278 6.39 0.52 -2.49
C MET A 278 5.98 -0.50 -1.45
N SER A 279 4.98 -0.16 -0.64
CA SER A 279 4.49 -1.09 0.36
C SER A 279 3.25 -1.80 -0.19
N LEU A 280 2.62 -2.62 0.63
CA LEU A 280 1.44 -3.32 0.14
C LEU A 280 0.25 -3.20 1.08
N LEU A 281 -0.91 -3.56 0.56
CA LEU A 281 -2.12 -3.65 1.35
C LEU A 281 -1.98 -4.96 2.13
N ASP A 282 -2.13 -4.91 3.44
CA ASP A 282 -1.91 -6.07 4.28
C ASP A 282 -3.03 -7.11 4.21
N PHE A 283 -2.92 -8.02 3.25
CA PHE A 283 -3.90 -9.08 3.05
C PHE A 283 -3.73 -10.20 4.06
N ARG A 284 -2.51 -10.35 4.55
CA ARG A 284 -2.22 -11.36 5.55
C ARG A 284 -2.91 -10.99 6.85
N PHE A 285 -2.90 -9.70 7.14
CA PHE A 285 -3.51 -9.11 8.32
C PHE A 285 -5.03 -9.20 8.25
N ALA A 286 -5.60 -8.67 7.17
CA ALA A 286 -7.04 -8.66 6.96
C ALA A 286 -7.68 -10.05 7.01
N GLN A 287 -7.09 -11.01 6.32
CA GLN A 287 -7.63 -12.36 6.28
C GLN A 287 -7.63 -13.01 7.66
N LYS A 288 -6.55 -12.78 8.39
CA LYS A 288 -6.41 -13.35 9.72
C LYS A 288 -7.40 -12.75 10.71
N VAL A 289 -7.60 -11.44 10.59
CA VAL A 289 -8.52 -10.72 11.44
C VAL A 289 -9.94 -11.23 11.26
N ARG A 290 -10.26 -11.57 10.01
CA ARG A 290 -11.58 -12.06 9.68
C ARG A 290 -11.81 -13.48 10.20
N GLN A 291 -10.74 -14.26 10.22
CA GLN A 291 -10.80 -15.63 10.72
C GLN A 291 -11.06 -15.62 12.22
N VAL A 292 -10.36 -14.72 12.90
CA VAL A 292 -10.39 -14.62 14.34
C VAL A 292 -11.60 -13.90 14.91
N PHE A 293 -11.98 -12.79 14.27
CA PHE A 293 -13.07 -11.96 14.75
C PHE A 293 -14.38 -12.14 14.01
N ARG A 294 -14.31 -12.58 12.76
CA ARG A 294 -15.51 -12.71 11.96
C ARG A 294 -16.07 -14.10 11.88
N ASP A 295 -15.34 -14.98 11.21
CA ASP A 295 -15.76 -16.34 10.97
C ASP A 295 -15.36 -17.34 12.04
N ASN A 296 -14.47 -16.92 12.93
CA ASN A 296 -13.99 -17.80 13.98
C ASN A 296 -13.48 -19.12 13.43
N THR A 297 -12.50 -19.02 12.53
CA THR A 297 -11.87 -20.18 11.94
C THR A 297 -10.45 -20.35 12.44
N ASP A 298 -10.04 -19.41 13.28
CA ASP A 298 -8.73 -19.40 13.92
C ASP A 298 -8.84 -18.70 15.25
N ASN A 299 -7.86 -18.88 16.13
CA ASN A 299 -7.91 -18.26 17.44
C ASN A 299 -6.87 -17.15 17.63
N MET A 300 -6.69 -16.73 18.88
CA MET A 300 -5.76 -15.66 19.20
C MET A 300 -4.32 -16.08 19.01
N TYR A 301 -4.07 -17.39 18.95
CA TYR A 301 -2.72 -17.86 18.74
C TYR A 301 -2.32 -17.67 17.29
N GLY A 302 -3.33 -17.63 16.43
CA GLY A 302 -3.15 -17.43 15.00
C GLY A 302 -2.92 -15.97 14.68
N LEU A 303 -3.66 -15.11 15.39
CA LEU A 303 -3.53 -13.68 15.25
C LEU A 303 -2.14 -13.25 15.69
N LYS A 304 -1.70 -13.86 16.78
CA LYS A 304 -0.40 -13.59 17.35
C LYS A 304 0.72 -14.03 16.41
N ALA A 305 0.56 -15.21 15.83
CA ALA A 305 1.55 -15.73 14.90
C ALA A 305 1.67 -14.84 13.68
N MET A 306 0.56 -14.25 13.28
CA MET A 306 0.50 -13.35 12.14
C MET A 306 1.25 -12.05 12.42
N LEU A 307 1.08 -11.54 13.63
CA LEU A 307 1.74 -10.31 14.05
C LEU A 307 3.25 -10.44 14.11
N GLU A 308 3.71 -11.52 14.73
CA GLU A 308 5.13 -11.77 14.90
C GLU A 308 5.81 -12.24 13.63
N GLY A 309 5.04 -12.83 12.73
CA GLY A 309 5.57 -13.32 11.48
C GLY A 309 5.73 -12.17 10.49
N SER A 310 4.67 -11.38 10.36
CA SER A 310 4.70 -10.25 9.46
C SER A 310 5.80 -9.27 9.84
N ALA A 311 5.99 -9.10 11.14
CA ALA A 311 7.00 -8.20 11.65
C ALA A 311 8.40 -8.64 11.26
N ALA A 312 8.54 -9.93 10.97
CA ALA A 312 9.83 -10.47 10.59
C ALA A 312 10.00 -10.59 9.08
N ASP A 313 8.88 -10.61 8.37
CA ASP A 313 8.90 -10.77 6.94
C ASP A 313 8.94 -9.46 6.17
N TYR A 314 8.41 -8.41 6.78
CA TYR A 314 8.39 -7.11 6.15
C TYR A 314 9.47 -6.22 6.71
N ALA A 315 10.33 -5.70 5.83
CA ALA A 315 11.39 -4.83 6.30
C ALA A 315 10.77 -3.58 6.91
N GLN A 316 9.66 -3.15 6.34
CA GLN A 316 8.96 -1.99 6.85
C GLN A 316 7.52 -2.34 7.12
N VAL A 317 7.28 -3.09 8.19
CA VAL A 317 5.93 -3.52 8.54
C VAL A 317 5.00 -2.35 8.78
N ASP A 318 5.55 -1.25 9.28
CA ASP A 318 4.77 -0.06 9.57
C ASP A 318 4.26 0.66 8.33
N ASP A 319 4.63 0.15 7.16
CA ASP A 319 4.22 0.74 5.90
C ASP A 319 3.06 0.01 5.24
N GLN A 320 2.79 -1.20 5.73
CA GLN A 320 1.71 -2.02 5.20
C GLN A 320 0.37 -1.42 5.58
N VAL A 321 -0.53 -1.31 4.60
CA VAL A 321 -1.85 -0.75 4.82
C VAL A 321 -2.86 -1.79 5.27
N THR A 322 -3.31 -1.69 6.52
CA THR A 322 -4.23 -2.66 7.09
C THR A 322 -5.69 -2.33 6.87
N PHE A 323 -6.51 -3.38 6.89
CA PHE A 323 -7.95 -3.29 6.72
C PHE A 323 -8.64 -4.56 7.18
N ILE A 324 -9.96 -4.49 7.31
CA ILE A 324 -10.76 -5.64 7.70
C ILE A 324 -11.65 -6.11 6.55
N ASP A 325 -11.90 -5.20 5.61
CA ASP A 325 -12.68 -5.49 4.43
C ASP A 325 -12.45 -4.47 3.33
N ASN A 326 -13.01 -4.75 2.16
CA ASN A 326 -12.89 -3.87 1.02
C ASN A 326 -13.92 -4.18 -0.06
N HIS A 327 -13.80 -3.45 -1.16
CA HIS A 327 -14.72 -3.54 -2.28
C HIS A 327 -14.69 -4.87 -3.03
N ASP A 328 -13.77 -5.75 -2.64
CA ASP A 328 -13.65 -7.04 -3.29
C ASP A 328 -13.99 -8.21 -2.38
N MET A 329 -14.45 -7.90 -1.18
CA MET A 329 -14.84 -8.93 -0.23
C MET A 329 -16.21 -8.66 0.35
N GLU A 330 -16.72 -9.66 1.06
CA GLU A 330 -17.99 -9.46 1.74
C GLU A 330 -17.75 -8.49 2.88
N ARG A 331 -18.66 -7.53 3.06
CA ARG A 331 -18.50 -6.59 4.14
C ARG A 331 -18.41 -7.32 5.47
N PHE A 332 -17.48 -6.85 6.31
CA PHE A 332 -17.22 -7.46 7.60
C PHE A 332 -18.49 -7.75 8.38
N HIS A 333 -19.35 -6.75 8.46
CA HIS A 333 -20.58 -6.92 9.21
C HIS A 333 -21.64 -7.75 8.52
N ALA A 334 -21.99 -8.89 9.14
CA ALA A 334 -23.05 -9.73 8.64
C ALA A 334 -24.35 -9.28 9.30
N SER A 335 -25.39 -9.12 8.49
CA SER A 335 -26.68 -8.62 8.93
C SER A 335 -27.24 -9.28 10.19
N ASN A 336 -26.82 -10.51 10.46
CA ASN A 336 -27.32 -11.25 11.59
C ASN A 336 -26.30 -11.38 12.71
N ALA A 337 -25.10 -10.87 12.48
CA ALA A 337 -24.05 -10.99 13.47
C ALA A 337 -24.09 -9.90 14.54
N ASN A 338 -23.37 -10.19 15.63
CA ASN A 338 -23.25 -9.25 16.73
C ASN A 338 -22.33 -8.13 16.31
N ARG A 339 -22.80 -6.90 16.45
CA ARG A 339 -22.03 -5.74 16.07
C ARG A 339 -20.72 -5.62 16.82
N ARG A 340 -20.65 -6.25 17.99
CA ARG A 340 -19.43 -6.20 18.78
C ARG A 340 -18.25 -6.81 18.05
N LYS A 341 -18.55 -7.64 17.05
CA LYS A 341 -17.50 -8.29 16.29
C LYS A 341 -16.75 -7.29 15.43
N LEU A 342 -17.52 -6.39 14.82
CA LEU A 342 -16.98 -5.36 13.97
C LEU A 342 -16.25 -4.30 14.79
N GLU A 343 -16.88 -3.88 15.88
CA GLU A 343 -16.29 -2.89 16.77
C GLU A 343 -14.90 -3.28 17.24
N GLN A 344 -14.77 -4.52 17.72
CA GLN A 344 -13.51 -5.05 18.18
C GLN A 344 -12.47 -5.10 17.08
N ALA A 345 -12.87 -5.55 15.90
CA ALA A 345 -11.94 -5.63 14.76
C ALA A 345 -11.45 -4.23 14.40
N LEU A 346 -12.33 -3.25 14.54
CA LEU A 346 -12.01 -1.86 14.29
C LEU A 346 -10.97 -1.38 15.28
N ALA A 347 -11.27 -1.59 16.55
CA ALA A 347 -10.38 -1.20 17.63
C ALA A 347 -8.99 -1.80 17.51
N PHE A 348 -8.95 -3.06 17.09
CA PHE A 348 -7.72 -3.80 16.92
C PHE A 348 -6.90 -3.23 15.77
N THR A 349 -7.58 -2.94 14.68
CA THR A 349 -6.96 -2.41 13.49
C THR A 349 -6.33 -1.04 13.73
N LEU A 350 -7.11 -0.16 14.38
CA LEU A 350 -6.69 1.19 14.67
C LEU A 350 -5.51 1.32 15.62
N THR A 351 -5.28 0.29 16.43
CA THR A 351 -4.21 0.30 17.41
C THR A 351 -3.03 -0.59 17.03
N SER A 352 -3.12 -1.22 15.87
CA SER A 352 -2.07 -2.10 15.41
C SER A 352 -1.09 -1.38 14.49
N ARG A 353 0.04 -2.03 14.25
CA ARG A 353 1.07 -1.48 13.38
C ARG A 353 0.61 -1.38 11.94
N GLY A 354 1.16 -0.41 11.21
CA GLY A 354 0.83 -0.23 9.80
C GLY A 354 0.04 1.04 9.57
N VAL A 355 -0.72 1.05 8.48
CA VAL A 355 -1.58 2.17 8.12
C VAL A 355 -3.02 1.70 8.00
N PRO A 356 -3.85 2.09 8.96
CA PRO A 356 -5.24 1.65 8.96
C PRO A 356 -6.09 2.25 7.84
N ALA A 357 -6.85 1.38 7.20
CA ALA A 357 -7.76 1.77 6.14
C ALA A 357 -9.15 1.30 6.48
N ILE A 358 -10.11 2.21 6.41
CA ILE A 358 -11.50 1.90 6.69
C ILE A 358 -12.37 2.07 5.47
N TYR A 359 -13.00 0.98 5.06
CA TYR A 359 -13.89 0.97 3.93
C TYR A 359 -15.16 1.72 4.29
N TYR A 360 -15.48 2.73 3.48
CA TYR A 360 -16.64 3.58 3.70
C TYR A 360 -17.89 2.77 4.03
N GLY A 361 -18.64 3.24 5.03
CA GLY A 361 -19.87 2.57 5.41
C GLY A 361 -19.74 1.68 6.64
N THR A 362 -18.51 1.24 6.92
CA THR A 362 -18.23 0.38 8.05
C THR A 362 -18.87 0.92 9.33
N GLU A 363 -18.57 2.18 9.62
CA GLU A 363 -19.06 2.86 10.80
C GLU A 363 -20.57 2.86 10.89
N GLN A 364 -21.21 2.53 9.77
CA GLN A 364 -22.66 2.49 9.67
C GLN A 364 -23.21 1.07 9.69
N TYR A 365 -22.35 0.11 9.99
CA TYR A 365 -22.74 -1.29 10.05
C TYR A 365 -23.33 -1.82 8.75
N MET A 366 -22.76 -1.37 7.64
CA MET A 366 -23.18 -1.84 6.33
C MET A 366 -22.80 -3.29 6.13
N SER A 367 -23.73 -4.05 5.56
CA SER A 367 -23.53 -5.45 5.25
C SER A 367 -23.78 -5.66 3.77
N GLY A 368 -23.17 -6.71 3.23
CA GLY A 368 -23.32 -6.99 1.82
C GLY A 368 -22.37 -8.08 1.36
N GLY A 369 -22.84 -8.86 0.39
CA GLY A 369 -22.04 -9.95 -0.14
C GLY A 369 -20.97 -9.41 -1.06
N THR A 370 -20.40 -10.30 -1.85
CA THR A 370 -19.37 -9.94 -2.79
C THR A 370 -19.91 -8.94 -3.81
N ASP A 371 -18.99 -8.41 -4.61
CA ASP A 371 -19.27 -7.44 -5.66
C ASP A 371 -20.52 -7.81 -6.45
N PRO A 372 -21.45 -6.87 -6.62
CA PRO A 372 -21.34 -5.50 -6.18
C PRO A 372 -22.15 -5.20 -4.92
N ASP A 373 -22.61 -6.25 -4.24
CA ASP A 373 -23.43 -6.07 -3.07
C ASP A 373 -22.73 -5.30 -1.96
N ASN A 374 -21.40 -5.33 -1.99
CA ASN A 374 -20.55 -4.66 -1.02
C ASN A 374 -20.28 -3.20 -1.38
N ARG A 375 -20.91 -2.69 -2.43
CA ARG A 375 -20.68 -1.33 -2.86
C ARG A 375 -21.94 -0.49 -2.90
N ALA A 376 -22.79 -0.68 -1.91
CA ALA A 376 -24.03 0.05 -1.80
C ALA A 376 -23.79 1.51 -1.41
N ARG A 377 -24.81 2.34 -1.57
CA ARG A 377 -24.70 3.73 -1.20
C ARG A 377 -24.77 3.87 0.30
N ILE A 378 -23.90 4.68 0.88
CA ILE A 378 -23.90 4.91 2.31
C ILE A 378 -25.30 5.33 2.75
N PRO A 379 -25.89 4.57 3.66
CA PRO A 379 -27.26 4.79 4.07
C PRO A 379 -27.48 6.00 4.97
N SER A 380 -26.39 6.51 5.57
CA SER A 380 -26.54 7.63 6.47
C SER A 380 -25.24 8.25 6.91
N PHE A 381 -25.34 9.48 7.41
CA PHE A 381 -24.22 10.24 7.92
C PHE A 381 -24.41 10.57 9.39
N SER A 382 -24.86 9.57 10.14
CA SER A 382 -25.08 9.72 11.57
C SER A 382 -23.80 9.43 12.35
N THR A 383 -23.56 10.24 13.38
CA THR A 383 -22.40 10.11 14.22
C THR A 383 -22.71 9.38 15.52
N SER A 384 -23.96 8.93 15.65
CA SER A 384 -24.41 8.29 16.87
C SER A 384 -24.19 6.79 16.94
N THR A 385 -23.44 6.24 15.98
CA THR A 385 -23.17 4.82 16.01
C THR A 385 -22.00 4.52 16.94
N THR A 386 -21.95 3.30 17.45
CA THR A 386 -20.86 2.91 18.31
C THR A 386 -19.55 2.81 17.54
N ALA A 387 -19.61 2.22 16.36
CA ALA A 387 -18.42 2.08 15.54
C ALA A 387 -17.83 3.43 15.19
N TYR A 388 -18.68 4.44 15.05
CA TYR A 388 -18.24 5.79 14.74
C TYR A 388 -17.47 6.40 15.90
N GLN A 389 -18.02 6.22 17.10
CA GLN A 389 -17.41 6.71 18.33
C GLN A 389 -16.10 6.03 18.66
N VAL A 390 -15.97 4.77 18.22
CA VAL A 390 -14.77 3.98 18.43
C VAL A 390 -13.61 4.54 17.63
N ILE A 391 -13.84 4.74 16.33
CA ILE A 391 -12.84 5.31 15.44
C ILE A 391 -12.46 6.70 15.91
N GLN A 392 -13.50 7.42 16.32
CA GLN A 392 -13.36 8.78 16.80
C GLN A 392 -12.51 8.91 18.04
N LYS A 393 -12.42 7.83 18.82
CA LYS A 393 -11.63 7.84 20.04
C LYS A 393 -10.24 7.27 19.84
N LEU A 394 -10.10 6.33 18.91
CA LEU A 394 -8.82 5.69 18.68
C LEU A 394 -8.01 6.28 17.53
N ALA A 395 -8.68 6.87 16.55
CA ALA A 395 -7.99 7.45 15.42
C ALA A 395 -6.89 8.41 15.84
N PRO A 396 -7.28 9.42 16.61
CA PRO A 396 -6.39 10.45 17.09
C PRO A 396 -5.16 9.94 17.84
N LEU A 397 -5.25 8.77 18.46
CA LEU A 397 -4.12 8.22 19.19
C LEU A 397 -2.91 8.02 18.29
N ARG A 398 -3.16 7.85 17.00
CA ARG A 398 -2.10 7.63 16.04
C ARG A 398 -1.22 8.85 15.85
N LYS A 399 -1.79 10.02 16.15
CA LYS A 399 -1.06 11.26 16.05
C LYS A 399 -0.43 11.71 17.36
N CYS A 400 -1.08 11.41 18.48
CA CYS A 400 -0.59 11.81 19.77
C CYS A 400 0.24 10.77 20.51
N ASN A 401 0.15 9.52 20.09
CA ASN A 401 0.91 8.46 20.72
C ASN A 401 1.74 7.70 19.71
N PRO A 402 3.01 8.13 19.57
CA PRO A 402 3.95 7.55 18.65
C PRO A 402 4.14 6.05 18.80
N ALA A 403 3.76 5.51 19.96
CA ALA A 403 3.87 4.09 20.20
C ALA A 403 2.93 3.31 19.29
N ILE A 404 1.79 3.93 18.97
CA ILE A 404 0.81 3.33 18.10
C ILE A 404 1.18 3.42 16.63
N ALA A 405 1.85 4.50 16.26
CA ALA A 405 2.26 4.72 14.88
C ALA A 405 3.55 4.03 14.47
N TYR A 406 4.54 4.00 15.36
CA TYR A 406 5.83 3.42 15.02
C TYR A 406 6.29 2.34 15.99
N GLY A 407 5.49 2.10 17.01
CA GLY A 407 5.88 1.18 18.05
C GLY A 407 5.93 -0.28 17.64
N SER A 408 6.76 -1.01 18.38
CA SER A 408 6.88 -2.45 18.23
C SER A 408 5.61 -3.07 18.78
N THR A 409 5.45 -4.36 18.56
CA THR A 409 4.27 -5.07 19.04
C THR A 409 4.68 -6.23 19.92
N GLN A 410 4.10 -6.33 21.11
CA GLN A 410 4.46 -7.42 21.99
C GLN A 410 3.28 -8.04 22.71
N GLU A 411 3.20 -9.36 22.63
CA GLU A 411 2.15 -10.11 23.32
C GLU A 411 2.43 -10.13 24.81
N ARG A 412 1.46 -9.72 25.61
CA ARG A 412 1.65 -9.69 27.06
C ARG A 412 0.73 -10.62 27.82
N TRP A 413 -0.21 -11.23 27.10
CA TRP A 413 -1.16 -12.14 27.70
C TRP A 413 -2.00 -12.75 26.58
N ILE A 414 -2.11 -14.08 26.58
CA ILE A 414 -2.87 -14.68 25.50
C ILE A 414 -3.51 -16.00 25.87
N ASN A 415 -4.63 -16.27 25.19
CA ASN A 415 -5.37 -17.51 25.29
C ASN A 415 -6.20 -17.67 24.03
N ASN A 416 -7.10 -18.65 23.99
CA ASN A 416 -7.89 -18.86 22.80
C ASN A 416 -8.63 -17.62 22.33
N ASP A 417 -9.30 -16.95 23.27
CA ASP A 417 -10.16 -15.82 22.97
C ASP A 417 -9.64 -14.45 23.40
N VAL A 418 -8.60 -14.43 24.23
CA VAL A 418 -8.09 -13.18 24.75
C VAL A 418 -6.71 -12.83 24.22
N LEU A 419 -6.52 -11.55 23.94
CA LEU A 419 -5.22 -11.06 23.51
C LEU A 419 -4.95 -9.67 24.06
N ILE A 420 -3.80 -9.58 24.72
CA ILE A 420 -3.33 -8.33 25.28
C ILE A 420 -1.96 -8.02 24.71
N TYR A 421 -1.89 -6.97 23.91
CA TYR A 421 -0.62 -6.60 23.30
C TYR A 421 -0.15 -5.22 23.73
N GLU A 422 1.14 -5.02 23.60
CA GLU A 422 1.73 -3.76 23.99
C GLU A 422 2.49 -3.12 22.83
N ARG A 423 2.19 -1.85 22.59
CA ARG A 423 2.87 -1.05 21.59
C ARG A 423 3.85 -0.15 22.34
N LYS A 424 5.08 -0.05 21.85
CA LYS A 424 6.06 0.75 22.55
C LYS A 424 6.99 1.48 21.60
N PHE A 425 7.18 2.77 21.86
CA PHE A 425 8.07 3.61 21.07
C PHE A 425 8.62 4.74 21.90
N GLY A 426 9.89 4.64 22.26
CA GLY A 426 10.51 5.66 23.09
C GLY A 426 9.88 5.64 24.46
N SER A 427 9.50 6.82 24.95
CA SER A 427 8.87 6.94 26.25
C SER A 427 7.35 6.83 26.13
N ASN A 428 6.90 6.15 25.08
CA ASN A 428 5.49 6.01 24.84
C ASN A 428 5.05 4.55 24.87
N VAL A 429 3.91 4.32 25.53
CA VAL A 429 3.35 2.99 25.68
C VAL A 429 1.85 2.95 25.46
N ALA A 430 1.40 1.83 24.89
CA ALA A 430 -0.02 1.58 24.69
C ALA A 430 -0.30 0.10 24.86
N VAL A 431 -1.27 -0.21 25.71
CA VAL A 431 -1.65 -1.58 25.99
C VAL A 431 -3.10 -1.79 25.62
N VAL A 432 -3.34 -2.78 24.77
CA VAL A 432 -4.67 -3.08 24.31
C VAL A 432 -5.11 -4.47 24.73
N ALA A 433 -6.31 -4.55 25.32
CA ALA A 433 -6.84 -5.82 25.75
C ALA A 433 -8.11 -6.17 24.98
N VAL A 434 -8.11 -7.34 24.35
CA VAL A 434 -9.25 -7.79 23.58
C VAL A 434 -9.73 -9.16 24.03
N ASN A 435 -11.06 -9.29 24.13
CA ASN A 435 -11.69 -10.55 24.49
C ASN A 435 -12.78 -10.87 23.49
N ARG A 436 -12.41 -11.64 22.47
CA ARG A 436 -13.32 -12.01 21.41
C ARG A 436 -14.53 -12.80 21.86
N ASN A 437 -14.41 -13.45 23.02
CA ASN A 437 -15.50 -14.25 23.53
C ASN A 437 -16.65 -13.37 23.99
N LEU A 438 -17.76 -13.47 23.27
CA LEU A 438 -18.93 -12.66 23.55
C LEU A 438 -19.81 -13.25 24.63
N ASN A 439 -19.43 -14.41 25.16
CA ASN A 439 -20.25 -15.05 26.17
C ASN A 439 -19.57 -15.23 27.51
N ALA A 440 -18.25 -15.40 27.49
CA ALA A 440 -17.52 -15.64 28.70
C ALA A 440 -16.45 -14.60 29.01
N PRO A 441 -16.51 -14.08 30.24
CA PRO A 441 -15.52 -13.13 30.69
C PRO A 441 -14.20 -13.85 30.89
N ALA A 442 -13.12 -13.10 31.11
CA ALA A 442 -11.82 -13.71 31.29
C ALA A 442 -11.10 -13.14 32.50
N SER A 443 -10.57 -14.03 33.31
CA SER A 443 -9.85 -13.65 34.52
C SER A 443 -8.38 -13.39 34.20
N ILE A 444 -8.04 -12.11 34.13
CA ILE A 444 -6.68 -11.69 33.80
C ILE A 444 -5.79 -11.56 35.03
N SER A 445 -4.77 -12.41 35.08
CA SER A 445 -3.80 -12.38 36.15
C SER A 445 -2.40 -12.68 35.63
N GLY A 446 -1.41 -12.01 36.21
CA GLY A 446 -0.03 -12.20 35.81
C GLY A 446 0.39 -11.32 34.65
N LEU A 447 -0.42 -10.31 34.36
CA LEU A 447 -0.15 -9.39 33.28
C LEU A 447 0.96 -8.41 33.66
N VAL A 448 2.01 -8.38 32.85
CA VAL A 448 3.10 -7.45 33.09
C VAL A 448 3.22 -6.48 31.92
N THR A 449 3.53 -5.23 32.22
CA THR A 449 3.63 -4.21 31.19
C THR A 449 4.78 -3.25 31.39
N SER A 450 4.85 -2.28 30.48
CA SER A 450 5.89 -1.26 30.50
C SER A 450 5.34 0.04 31.05
N LEU A 451 4.08 -0.02 31.48
CA LEU A 451 3.42 1.16 32.01
C LEU A 451 4.00 1.53 33.36
N PRO A 452 4.09 2.84 33.63
CA PRO A 452 4.60 3.29 34.90
C PRO A 452 3.59 3.04 36.01
N GLN A 453 4.09 2.98 37.24
CA GLN A 453 3.24 2.75 38.39
C GLN A 453 2.10 3.75 38.42
N GLY A 454 0.87 3.24 38.57
CA GLY A 454 -0.30 4.11 38.62
C GLY A 454 -1.57 3.43 38.13
N SER A 455 -2.62 4.25 38.01
CA SER A 455 -3.92 3.79 37.56
C SER A 455 -4.24 4.36 36.18
N TYR A 456 -4.73 3.51 35.29
CA TYR A 456 -5.04 3.90 33.93
C TYR A 456 -6.50 3.75 33.56
N ASN A 457 -7.06 4.82 33.01
CA ASN A 457 -8.44 4.78 32.58
C ASN A 457 -8.50 4.23 31.16
N ASP A 458 -9.63 3.61 30.83
CA ASP A 458 -9.80 3.07 29.50
C ASP A 458 -10.05 4.19 28.50
N VAL A 459 -9.18 4.30 27.50
CA VAL A 459 -9.28 5.33 26.48
C VAL A 459 -10.64 5.33 25.80
N LEU A 460 -11.25 4.15 25.70
CA LEU A 460 -12.55 4.03 25.08
C LEU A 460 -13.67 4.44 26.02
N GLY A 461 -13.28 4.77 27.25
CA GLY A 461 -14.21 5.22 28.27
C GLY A 461 -15.24 4.18 28.68
N GLY A 462 -14.98 2.92 28.37
CA GLY A 462 -15.89 1.84 28.74
C GLY A 462 -16.88 1.49 27.64
N LEU A 463 -16.76 2.22 26.54
CA LEU A 463 -17.62 2.04 25.38
C LEU A 463 -17.77 0.58 24.99
N LEU A 464 -16.65 -0.15 24.97
CA LEU A 464 -16.65 -1.56 24.63
C LEU A 464 -16.41 -2.41 25.86
N ASN A 465 -17.05 -2.01 26.96
CA ASN A 465 -16.95 -2.71 28.22
C ASN A 465 -15.52 -2.85 28.72
N GLY A 466 -14.74 -1.80 28.50
CA GLY A 466 -13.36 -1.77 28.95
C GLY A 466 -13.31 -1.42 30.43
N ASN A 467 -12.14 -1.53 31.03
CA ASN A 467 -12.00 -1.25 32.44
C ASN A 467 -10.73 -0.48 32.73
N THR A 468 -10.58 -0.10 34.00
CA THR A 468 -9.41 0.61 34.47
C THR A 468 -8.31 -0.40 34.78
N LEU A 469 -7.08 0.08 34.79
CA LEU A 469 -5.95 -0.77 35.06
C LEU A 469 -5.08 -0.21 36.18
N SER A 470 -4.73 -1.07 37.12
CA SER A 470 -3.88 -0.69 38.23
C SER A 470 -2.53 -1.34 38.06
N VAL A 471 -1.50 -0.52 37.91
CA VAL A 471 -0.15 -1.01 37.69
C VAL A 471 0.75 -0.71 38.88
N GLY A 472 1.32 -1.77 39.43
CA GLY A 472 2.21 -1.62 40.57
C GLY A 472 3.64 -1.46 40.07
N SER A 473 4.58 -1.93 40.88
CA SER A 473 5.98 -1.87 40.53
C SER A 473 6.30 -2.97 39.53
N GLY A 474 7.24 -2.67 38.62
CA GLY A 474 7.63 -3.63 37.61
C GLY A 474 6.60 -3.73 36.51
N GLY A 475 5.65 -2.80 36.52
CA GLY A 475 4.60 -2.75 35.52
C GLY A 475 3.61 -3.89 35.67
N ALA A 476 3.74 -4.63 36.76
CA ALA A 476 2.85 -5.74 37.04
C ALA A 476 1.45 -5.22 37.33
N ALA A 477 0.50 -5.65 36.51
CA ALA A 477 -0.88 -5.22 36.66
C ALA A 477 -1.66 -6.05 37.67
N SER A 478 -2.54 -5.35 38.39
CA SER A 478 -3.40 -5.96 39.37
C SER A 478 -4.37 -6.91 38.68
N ASN A 479 -4.72 -8.00 39.36
CA ASN A 479 -5.66 -8.95 38.79
C ASN A 479 -6.96 -8.27 38.43
N PHE A 480 -7.52 -8.66 37.28
CA PHE A 480 -8.76 -8.07 36.84
C PHE A 480 -9.57 -8.99 35.94
N THR A 481 -10.84 -8.64 35.77
CA THR A 481 -11.75 -9.38 34.93
C THR A 481 -12.00 -8.63 33.63
N LEU A 482 -11.80 -9.34 32.53
CA LEU A 482 -12.01 -8.79 31.21
C LEU A 482 -13.37 -9.26 30.70
N ALA A 483 -14.32 -8.34 30.65
CA ALA A 483 -15.66 -8.66 30.23
C ALA A 483 -15.75 -9.35 28.88
N ALA A 484 -16.86 -10.04 28.66
CA ALA A 484 -17.12 -10.69 27.39
C ALA A 484 -17.25 -9.62 26.31
N GLY A 485 -16.62 -9.84 25.16
CA GLY A 485 -16.64 -8.83 24.11
C GLY A 485 -15.98 -7.55 24.59
N GLY A 486 -15.24 -7.65 25.69
CA GLY A 486 -14.56 -6.51 26.26
C GLY A 486 -13.34 -6.07 25.46
N THR A 487 -13.17 -4.75 25.38
CA THR A 487 -12.04 -4.14 24.71
C THR A 487 -11.62 -2.89 25.46
N ALA A 488 -10.35 -2.85 25.87
CA ALA A 488 -9.83 -1.71 26.61
C ALA A 488 -8.47 -1.25 26.09
N VAL A 489 -8.28 0.06 26.11
CA VAL A 489 -7.04 0.67 25.66
C VAL A 489 -6.44 1.55 26.76
N TRP A 490 -5.22 1.21 27.16
CA TRP A 490 -4.52 1.96 28.18
C TRP A 490 -3.24 2.54 27.60
N GLN A 491 -2.82 3.70 28.09
CA GLN A 491 -1.63 4.29 27.51
C GLN A 491 -0.88 5.25 28.41
N TYR A 492 0.34 5.54 27.99
CA TYR A 492 1.22 6.46 28.67
C TYR A 492 2.13 7.16 27.66
N THR A 493 2.14 8.48 27.71
CA THR A 493 2.99 9.25 26.83
C THR A 493 3.96 10.15 27.58
N ALA A 494 5.13 10.34 27.02
CA ALA A 494 6.15 11.19 27.61
C ALA A 494 7.26 11.51 26.61
N ALA A 495 7.82 12.71 26.74
CA ALA A 495 8.87 13.15 25.84
C ALA A 495 10.03 12.17 25.80
N THR A 496 10.52 11.94 24.59
CA THR A 496 11.66 11.07 24.35
C THR A 496 12.93 11.91 24.34
N ALA A 497 13.93 11.46 25.08
CA ALA A 497 15.17 12.21 25.21
C ALA A 497 16.18 11.94 24.11
N THR A 498 16.36 10.65 23.81
CA THR A 498 17.31 10.23 22.81
C THR A 498 16.69 10.23 21.41
N PRO A 499 17.53 10.47 20.41
CA PRO A 499 17.03 10.47 19.04
C PRO A 499 16.52 9.08 18.69
N THR A 500 15.28 9.03 18.21
CA THR A 500 14.64 7.77 17.88
C THR A 500 13.97 7.83 16.51
N ILE A 501 14.52 7.07 15.57
CA ILE A 501 13.97 7.02 14.23
C ILE A 501 12.77 6.08 14.18
N GLY A 502 11.62 6.61 13.80
CA GLY A 502 10.42 5.81 13.70
C GLY A 502 10.00 5.54 12.27
N HIS A 503 10.45 6.37 11.34
CA HIS A 503 10.05 6.17 9.96
C HIS A 503 10.91 6.92 8.95
N VAL A 504 10.96 6.38 7.73
CA VAL A 504 11.72 6.95 6.64
C VAL A 504 11.00 6.78 5.32
N GLY A 505 11.08 7.80 4.48
CA GLY A 505 10.46 7.76 3.16
C GLY A 505 10.88 8.96 2.34
N PRO A 506 11.08 8.74 1.03
CA PRO A 506 10.93 7.44 0.42
C PRO A 506 12.01 6.46 0.86
N MET A 507 11.83 5.19 0.50
CA MET A 507 12.77 4.16 0.86
C MET A 507 13.70 3.79 -0.28
N MET A 508 13.51 4.46 -1.43
CA MET A 508 14.31 4.20 -2.60
C MET A 508 14.36 5.41 -3.51
N ALA A 509 15.57 5.83 -3.87
CA ALA A 509 15.77 6.98 -4.72
C ALA A 509 17.24 7.20 -5.04
N LYS A 510 17.50 8.03 -6.04
CA LYS A 510 18.87 8.36 -6.44
C LYS A 510 19.38 9.55 -5.65
N PRO A 511 20.69 9.76 -5.71
CA PRO A 511 21.31 10.86 -4.99
C PRO A 511 20.74 12.23 -5.36
N GLY A 512 20.66 13.10 -4.36
CA GLY A 512 20.16 14.45 -4.58
C GLY A 512 18.71 14.62 -4.18
N VAL A 513 18.03 13.49 -4.02
CA VAL A 513 16.63 13.49 -3.62
C VAL A 513 16.49 13.68 -2.12
N THR A 514 15.50 14.47 -1.73
CA THR A 514 15.23 14.73 -0.32
C THR A 514 14.31 13.69 0.30
N ILE A 515 14.81 13.03 1.34
CA ILE A 515 14.04 12.04 2.08
C ILE A 515 13.55 12.62 3.39
N THR A 516 12.58 11.94 4.00
CA THR A 516 12.00 12.38 5.25
C THR A 516 12.20 11.37 6.37
N ILE A 517 12.77 11.86 7.47
CA ILE A 517 13.02 11.04 8.64
C ILE A 517 12.15 11.51 9.80
N ASP A 518 11.23 10.66 10.21
CA ASP A 518 10.29 10.95 11.29
C ASP A 518 10.58 10.14 12.54
N GLY A 519 10.33 10.73 13.70
CA GLY A 519 10.57 10.07 14.96
C GLY A 519 10.44 11.02 16.14
N ARG A 520 11.25 10.78 17.17
CA ARG A 520 11.23 11.60 18.37
C ARG A 520 12.62 11.86 18.90
N GLY A 521 12.77 12.99 19.60
CA GLY A 521 14.01 13.37 20.26
C GLY A 521 15.17 13.71 19.35
N PHE A 522 14.91 14.34 18.21
CA PHE A 522 15.97 14.73 17.31
C PHE A 522 16.63 16.04 17.73
N GLY A 523 15.94 16.77 18.60
CA GLY A 523 16.44 18.06 19.02
C GLY A 523 16.07 19.15 18.02
N SER A 524 16.26 20.40 18.41
CA SER A 524 15.91 21.51 17.54
C SER A 524 17.07 21.98 16.67
N SER A 525 18.29 21.67 17.11
CA SER A 525 19.48 22.06 16.37
C SER A 525 19.97 20.95 15.47
N LYS A 526 20.35 21.33 14.25
CA LYS A 526 20.85 20.40 13.26
C LYS A 526 21.92 19.47 13.79
N GLY A 527 21.79 18.19 13.48
CA GLY A 527 22.75 17.19 13.88
C GLY A 527 23.45 16.62 12.66
N THR A 528 23.62 15.30 12.65
CA THR A 528 24.25 14.63 11.53
C THR A 528 23.42 13.44 11.09
N VAL A 529 23.37 13.21 9.78
CA VAL A 529 22.65 12.07 9.22
C VAL A 529 23.66 11.13 8.58
N TYR A 530 23.57 9.84 8.85
CA TYR A 530 24.49 8.89 8.28
C TYR A 530 23.84 7.92 7.30
N PHE A 531 24.44 7.84 6.12
CA PHE A 531 24.04 6.89 5.10
C PHE A 531 25.15 5.85 5.07
N GLY A 532 25.01 4.85 5.92
CA GLY A 532 26.09 3.89 6.06
C GLY A 532 27.14 4.59 6.91
N THR A 533 28.35 4.71 6.38
CA THR A 533 29.42 5.39 7.10
C THR A 533 29.52 6.85 6.70
N THR A 534 28.84 7.21 5.63
CA THR A 534 28.89 8.58 5.11
C THR A 534 28.07 9.54 5.94
N ALA A 535 28.75 10.57 6.44
CA ALA A 535 28.11 11.59 7.26
C ALA A 535 27.60 12.76 6.43
N VAL A 536 26.42 13.23 6.81
CA VAL A 536 25.76 14.34 6.16
C VAL A 536 25.40 15.41 7.19
N SER A 537 25.69 16.66 6.87
CA SER A 537 25.40 17.75 7.78
C SER A 537 25.46 19.08 7.05
N GLY A 538 25.04 20.13 7.74
CA GLY A 538 25.05 21.46 7.15
C GLY A 538 23.85 21.71 6.26
N ALA A 539 24.13 22.26 5.08
CA ALA A 539 23.12 22.65 4.13
C ALA A 539 22.28 21.52 3.55
N ASP A 540 22.92 20.38 3.29
CA ASP A 540 22.21 19.25 2.70
C ASP A 540 21.04 18.78 3.55
N ILE A 541 21.09 19.16 4.82
CA ILE A 541 20.01 18.90 5.75
C ILE A 541 19.07 20.09 5.62
N THR A 542 18.09 19.96 4.73
CA THR A 542 17.19 21.04 4.43
C THR A 542 16.27 21.46 5.59
N SER A 543 16.05 20.55 6.52
CA SER A 543 15.17 20.83 7.65
C SER A 543 15.45 19.91 8.82
N TRP A 544 15.37 20.45 10.03
CA TRP A 544 15.64 19.67 11.22
C TRP A 544 14.79 20.10 12.42
N GLU A 545 14.14 19.11 13.02
CA GLU A 545 13.35 19.34 14.21
C GLU A 545 13.18 18.08 15.03
N ASP A 546 12.61 18.24 16.21
CA ASP A 546 12.45 17.12 17.13
C ASP A 546 11.81 15.87 16.54
N THR A 547 10.74 16.06 15.76
CA THR A 547 10.01 14.94 15.20
C THR A 547 10.27 14.69 13.71
N GLN A 548 10.97 15.60 13.05
CA GLN A 548 11.21 15.39 11.64
C GLN A 548 12.47 16.02 11.11
N ILE A 549 13.10 15.30 10.18
CA ILE A 549 14.32 15.73 9.53
C ILE A 549 14.17 15.58 8.03
N LYS A 550 14.68 16.57 7.29
CA LYS A 550 14.65 16.54 5.84
C LYS A 550 16.08 16.69 5.32
N VAL A 551 16.58 15.64 4.68
CA VAL A 551 17.94 15.62 4.18
C VAL A 551 18.01 15.11 2.75
N LYS A 552 18.98 15.63 2.00
CA LYS A 552 19.19 15.21 0.62
C LYS A 552 20.14 14.02 0.58
N ILE A 553 19.83 13.07 -0.29
CA ILE A 553 20.64 11.88 -0.43
C ILE A 553 22.01 12.19 -1.00
N PRO A 554 23.07 11.81 -0.28
CA PRO A 554 24.43 12.05 -0.73
C PRO A 554 24.73 11.28 -2.01
N ALA A 555 25.72 11.77 -2.76
CA ALA A 555 26.13 11.11 -3.97
C ALA A 555 27.02 9.91 -3.69
N VAL A 556 26.44 8.91 -3.02
CA VAL A 556 27.15 7.68 -2.70
C VAL A 556 26.86 6.64 -3.76
N ALA A 557 27.69 5.60 -3.81
CA ALA A 557 27.48 4.53 -4.78
C ALA A 557 26.13 3.87 -4.57
N GLY A 558 25.56 3.31 -5.62
CA GLY A 558 24.29 2.65 -5.49
C GLY A 558 24.43 1.49 -4.51
N GLY A 559 23.36 1.19 -3.78
CA GLY A 559 23.41 0.09 -2.83
C GLY A 559 22.37 0.21 -1.73
N ASN A 560 22.49 -0.68 -0.75
CA ASN A 560 21.60 -0.72 0.39
C ASN A 560 22.30 -0.12 1.59
N TYR A 561 21.66 0.86 2.23
CA TYR A 561 22.27 1.54 3.35
C TYR A 561 21.39 1.56 4.59
N ASN A 562 22.08 1.69 5.72
CA ASN A 562 21.45 1.83 7.02
C ASN A 562 21.44 3.31 7.37
N ILE A 563 20.29 3.81 7.77
CA ILE A 563 20.19 5.21 8.15
C ILE A 563 20.28 5.39 9.65
N LYS A 564 20.92 6.47 10.04
CA LYS A 564 21.12 6.78 11.43
C LYS A 564 21.32 8.28 11.61
N VAL A 565 20.81 8.82 12.72
CA VAL A 565 20.99 10.22 12.99
C VAL A 565 21.66 10.44 14.33
N ALA A 566 22.18 11.65 14.49
CA ALA A 566 22.82 12.05 15.73
C ALA A 566 22.41 13.48 16.02
N ASN A 567 22.09 13.76 17.28
CA ASN A 567 21.72 15.12 17.61
C ASN A 567 22.96 16.00 17.67
N ALA A 568 22.75 17.26 17.99
CA ALA A 568 23.85 18.21 18.08
C ALA A 568 24.92 17.78 19.08
N ALA A 569 24.48 17.06 20.12
CA ALA A 569 25.39 16.61 21.15
C ALA A 569 26.23 15.41 20.74
N GLY A 570 25.84 14.76 19.65
CA GLY A 570 26.57 13.61 19.18
C GLY A 570 25.91 12.28 19.54
N THR A 571 24.75 12.35 20.20
CA THR A 571 24.03 11.15 20.56
C THR A 571 23.39 10.52 19.34
N ALA A 572 23.76 9.27 19.07
CA ALA A 572 23.22 8.55 17.93
C ALA A 572 21.90 7.88 18.23
N SER A 573 21.12 7.66 17.18
CA SER A 573 19.82 7.04 17.30
C SER A 573 19.87 5.57 16.93
N ASN A 574 18.70 4.98 16.77
CA ASN A 574 18.62 3.60 16.34
C ASN A 574 18.86 3.57 14.84
N VAL A 575 19.21 2.39 14.32
CA VAL A 575 19.41 2.24 12.89
C VAL A 575 18.10 1.95 12.18
N TYR A 576 17.98 2.45 10.96
CA TYR A 576 16.84 2.21 10.11
C TYR A 576 17.37 1.65 8.80
N ASP A 577 17.26 0.33 8.65
CA ASP A 577 17.82 -0.38 7.52
C ASP A 577 16.97 -0.44 6.26
N ASN A 578 17.53 -1.11 5.25
CA ASN A 578 16.89 -1.33 3.97
C ASN A 578 16.68 -0.10 3.11
N PHE A 579 17.41 0.98 3.39
CA PHE A 579 17.26 2.15 2.56
C PHE A 579 18.06 1.95 1.28
N GLU A 580 17.40 2.06 0.13
CA GLU A 580 18.09 1.83 -1.12
C GLU A 580 18.44 3.09 -1.90
N VAL A 581 19.72 3.18 -2.28
CA VAL A 581 20.22 4.27 -3.08
C VAL A 581 20.36 3.79 -4.53
N LEU A 582 19.69 4.47 -5.44
CA LEU A 582 19.73 4.11 -6.84
C LEU A 582 20.97 4.62 -7.55
N SER A 583 21.40 3.90 -8.57
CA SER A 583 22.56 4.28 -9.35
C SER A 583 22.27 5.49 -10.23
N GLY A 584 20.99 5.82 -10.34
CA GLY A 584 20.55 6.95 -11.14
C GLY A 584 19.09 6.76 -11.53
N ASP A 585 18.65 7.50 -12.55
CA ASP A 585 17.29 7.35 -13.05
C ASP A 585 17.14 5.94 -13.59
N GLN A 586 15.92 5.44 -13.63
CA GLN A 586 15.75 4.05 -14.07
C GLN A 586 14.98 3.89 -15.36
N VAL A 587 15.27 2.77 -16.02
CA VAL A 587 14.58 2.32 -17.22
C VAL A 587 14.27 0.84 -17.05
N SER A 588 13.21 0.40 -17.71
CA SER A 588 12.82 -0.99 -17.64
C SER A 588 13.36 -1.77 -18.83
N VAL A 589 14.22 -2.74 -18.56
CA VAL A 589 14.83 -3.53 -19.61
C VAL A 589 14.46 -5.01 -19.49
N ARG A 590 14.19 -5.64 -20.63
CA ARG A 590 13.88 -7.05 -20.64
C ARG A 590 15.13 -7.85 -20.98
N PHE A 591 15.50 -8.77 -20.10
CA PHE A 591 16.65 -9.63 -20.31
C PHE A 591 16.19 -10.99 -20.79
N VAL A 592 16.90 -11.52 -21.79
CA VAL A 592 16.58 -12.82 -22.35
C VAL A 592 17.83 -13.63 -22.60
N VAL A 593 17.85 -14.84 -22.07
CA VAL A 593 18.95 -15.76 -22.26
C VAL A 593 18.43 -17.03 -22.91
N ASN A 594 19.09 -17.44 -23.99
CA ASN A 594 18.66 -18.63 -24.71
C ASN A 594 19.50 -19.84 -24.35
N ASN A 595 18.89 -21.01 -24.48
CA ASN A 595 19.54 -22.28 -24.22
C ASN A 595 20.17 -22.39 -22.84
N ALA A 596 19.35 -22.11 -21.83
CA ALA A 596 19.77 -22.22 -20.45
C ALA A 596 19.04 -23.38 -19.79
N THR A 597 19.54 -24.59 -20.04
CA THR A 597 18.94 -25.79 -19.49
C THR A 597 19.20 -25.93 -18.00
N THR A 598 18.16 -26.35 -17.29
CA THR A 598 18.25 -26.50 -15.86
C THR A 598 17.59 -27.80 -15.40
N ALA A 599 17.89 -28.16 -14.16
CA ALA A 599 17.30 -29.33 -13.54
C ALA A 599 16.10 -28.86 -12.71
N LEU A 600 15.10 -29.73 -12.58
CA LEU A 600 13.91 -29.42 -11.82
C LEU A 600 14.27 -28.87 -10.45
N GLY A 601 13.78 -27.68 -10.15
CA GLY A 601 14.05 -27.02 -8.88
C GLY A 601 15.16 -25.97 -9.01
N GLN A 602 15.93 -26.10 -10.08
CA GLN A 602 17.03 -25.19 -10.38
C GLN A 602 16.55 -24.09 -11.32
N ASN A 603 16.81 -22.84 -10.94
CA ASN A 603 16.38 -21.68 -11.71
C ASN A 603 17.52 -20.80 -12.18
N VAL A 604 17.22 -19.95 -13.16
CA VAL A 604 18.17 -19.02 -13.72
C VAL A 604 17.98 -17.61 -13.19
N TYR A 605 19.07 -16.99 -12.76
CA TYR A 605 19.07 -15.63 -12.26
C TYR A 605 20.00 -14.75 -13.08
N LEU A 606 19.88 -13.45 -12.83
CA LEU A 606 20.69 -12.46 -13.52
C LEU A 606 21.50 -11.64 -12.53
N THR A 607 22.77 -11.42 -12.86
CA THR A 607 23.64 -10.62 -12.01
C THR A 607 24.48 -9.65 -12.83
N GLY A 608 24.87 -8.52 -12.24
CA GLY A 608 25.61 -7.54 -13.01
C GLY A 608 26.46 -6.56 -12.21
N SER A 609 27.11 -5.66 -12.94
CA SER A 609 28.03 -4.69 -12.39
C SER A 609 27.41 -3.48 -11.73
N VAL A 610 26.09 -3.49 -11.55
CA VAL A 610 25.43 -2.37 -10.90
C VAL A 610 24.65 -2.85 -9.68
N SER A 611 24.43 -1.93 -8.74
CA SER A 611 23.70 -2.29 -7.54
C SER A 611 22.31 -2.80 -7.89
N GLU A 612 21.78 -2.32 -9.00
CA GLU A 612 20.47 -2.74 -9.48
C GLU A 612 20.50 -4.20 -9.92
N LEU A 613 21.69 -4.76 -10.06
CA LEU A 613 21.89 -6.14 -10.45
C LEU A 613 22.55 -6.99 -9.38
N GLY A 614 22.80 -6.40 -8.21
CA GLY A 614 23.37 -7.13 -7.09
C GLY A 614 24.89 -7.04 -6.98
N ASN A 615 25.50 -6.23 -7.83
CA ASN A 615 26.95 -6.05 -7.83
C ASN A 615 27.73 -7.35 -7.78
N TRP A 616 27.36 -8.30 -8.63
CA TRP A 616 28.06 -9.57 -8.73
C TRP A 616 27.81 -10.53 -7.58
N ASP A 617 26.94 -10.11 -6.66
CA ASP A 617 26.62 -10.96 -5.52
C ASP A 617 25.45 -11.88 -5.82
N PRO A 618 25.73 -13.17 -5.93
CA PRO A 618 24.71 -14.16 -6.21
C PRO A 618 23.58 -14.12 -5.21
N ALA A 619 23.92 -13.83 -3.96
CA ALA A 619 22.91 -13.72 -2.92
C ALA A 619 21.94 -12.59 -3.23
N LYS A 620 22.33 -11.71 -4.16
CA LYS A 620 21.49 -10.58 -4.52
C LYS A 620 21.07 -10.60 -5.98
N ALA A 621 21.23 -11.75 -6.63
CA ALA A 621 20.88 -11.90 -8.03
C ALA A 621 19.39 -11.73 -8.31
N ILE A 622 19.08 -11.33 -9.54
CA ILE A 622 17.72 -11.11 -9.99
C ILE A 622 17.08 -12.40 -10.50
N GLY A 623 15.89 -12.70 -10.00
CA GLY A 623 15.19 -13.91 -10.40
C GLY A 623 14.41 -14.52 -9.25
N PRO A 624 13.94 -15.75 -9.44
CA PRO A 624 14.19 -16.52 -10.64
C PRO A 624 13.52 -15.92 -11.86
N MET A 625 14.17 -16.10 -13.00
CA MET A 625 13.62 -15.62 -14.25
C MET A 625 12.44 -16.47 -14.70
N TYR A 626 11.66 -15.94 -15.63
CA TYR A 626 10.49 -16.61 -16.15
C TYR A 626 10.82 -17.46 -17.36
N ASN A 627 9.92 -18.36 -17.74
CA ASN A 627 10.18 -19.22 -18.88
C ASN A 627 8.93 -19.91 -19.41
N GLN A 628 7.76 -19.32 -19.19
CA GLN A 628 6.53 -19.93 -19.65
C GLN A 628 5.82 -19.19 -20.76
N VAL A 629 5.34 -17.99 -20.45
CA VAL A 629 4.55 -17.16 -21.35
C VAL A 629 5.27 -16.53 -22.53
N VAL A 630 5.91 -15.39 -22.27
CA VAL A 630 6.61 -14.64 -23.30
C VAL A 630 7.66 -15.46 -24.04
N TYR A 631 8.51 -16.14 -23.28
CA TYR A 631 9.54 -17.01 -23.82
C TYR A 631 9.45 -18.35 -23.12
N GLN A 632 9.87 -19.42 -23.81
CA GLN A 632 9.77 -20.74 -23.24
C GLN A 632 11.11 -21.44 -23.04
N TYR A 633 11.21 -22.18 -21.95
CA TYR A 633 12.41 -22.93 -21.62
C TYR A 633 12.84 -23.76 -22.82
N PRO A 634 14.14 -23.96 -23.03
CA PRO A 634 15.20 -23.51 -22.17
C PRO A 634 15.48 -22.03 -22.31
N ASN A 635 14.45 -21.27 -22.67
CA ASN A 635 14.59 -19.83 -22.81
C ASN A 635 13.97 -19.12 -21.62
N TRP A 636 14.74 -18.23 -21.02
CA TRP A 636 14.31 -17.48 -19.85
C TRP A 636 14.26 -15.99 -20.12
N TYR A 637 13.41 -15.28 -19.39
CA TYR A 637 13.26 -13.84 -19.55
C TYR A 637 12.86 -13.15 -18.25
N TYR A 638 13.07 -11.84 -18.21
CA TYR A 638 12.77 -11.07 -17.01
C TYR A 638 12.95 -9.58 -17.22
N ASP A 639 12.00 -8.80 -16.72
CA ASP A 639 12.04 -7.35 -16.83
C ASP A 639 12.68 -6.72 -15.60
N VAL A 640 13.79 -6.03 -15.82
CA VAL A 640 14.56 -5.44 -14.75
C VAL A 640 14.66 -3.91 -14.81
N SER A 641 14.78 -3.31 -13.64
CA SER A 641 14.94 -1.87 -13.52
C SER A 641 16.43 -1.57 -13.41
N VAL A 642 16.97 -0.86 -14.38
CA VAL A 642 18.39 -0.55 -14.42
C VAL A 642 18.62 0.93 -14.70
N PRO A 643 19.78 1.44 -14.26
CA PRO A 643 20.12 2.83 -14.44
C PRO A 643 20.19 3.19 -15.93
N ALA A 644 19.53 4.29 -16.28
CA ALA A 644 19.48 4.72 -17.67
C ALA A 644 20.79 5.23 -18.20
N GLY A 645 21.05 4.91 -19.47
CA GLY A 645 22.25 5.33 -20.17
C GLY A 645 23.54 4.71 -19.66
N LYS A 646 23.45 3.85 -18.65
CA LYS A 646 24.65 3.23 -18.11
C LYS A 646 25.07 1.99 -18.88
N THR A 647 26.37 1.83 -19.03
CA THR A 647 26.92 0.66 -19.68
C THR A 647 27.13 -0.39 -18.62
N ILE A 648 26.35 -1.46 -18.72
CA ILE A 648 26.38 -2.51 -17.71
C ILE A 648 26.96 -3.82 -18.21
N GLU A 649 27.70 -4.46 -17.31
CA GLU A 649 28.27 -5.76 -17.52
C GLU A 649 27.38 -6.74 -16.79
N PHE A 650 27.12 -7.90 -17.37
CA PHE A 650 26.24 -8.85 -16.71
C PHE A 650 26.51 -10.29 -17.08
N LYS A 651 25.95 -11.17 -16.26
CA LYS A 651 26.06 -12.61 -16.46
C LYS A 651 24.84 -13.29 -15.86
N PHE A 652 24.58 -14.50 -16.31
CA PHE A 652 23.47 -15.27 -15.79
C PHE A 652 24.02 -16.38 -14.91
N LEU A 653 23.17 -16.91 -14.04
CA LEU A 653 23.57 -18.00 -13.17
C LEU A 653 22.43 -18.95 -12.88
N LYS A 654 22.80 -20.21 -12.66
CA LYS A 654 21.85 -21.23 -12.28
C LYS A 654 21.97 -21.43 -10.79
N LYS A 655 20.84 -21.34 -10.09
CA LYS A 655 20.84 -21.47 -8.64
C LYS A 655 19.92 -22.56 -8.14
N GLN A 656 20.43 -23.30 -7.17
CA GLN A 656 19.71 -24.33 -6.46
C GLN A 656 20.00 -24.11 -4.99
N GLY A 657 19.03 -23.57 -4.27
CA GLY A 657 19.29 -23.23 -2.90
C GLY A 657 20.32 -22.11 -2.89
N SER A 658 21.45 -22.34 -2.23
CA SER A 658 22.51 -21.35 -2.20
C SER A 658 23.67 -21.72 -3.11
N THR A 659 23.56 -22.90 -3.73
CA THR A 659 24.57 -23.39 -4.65
C THR A 659 24.47 -22.67 -5.99
N VAL A 660 25.61 -22.15 -6.46
CA VAL A 660 25.63 -21.36 -7.67
C VAL A 660 26.55 -21.87 -8.77
N THR A 661 26.04 -21.74 -10.00
CA THR A 661 26.75 -22.10 -11.20
C THR A 661 26.78 -20.91 -12.13
N TRP A 662 28.00 -20.43 -12.38
CA TRP A 662 28.22 -19.28 -13.22
C TRP A 662 28.24 -19.59 -14.70
N GLU A 663 27.81 -18.60 -15.48
CA GLU A 663 27.85 -18.68 -16.93
C GLU A 663 29.33 -18.61 -17.31
N GLY A 664 29.71 -19.39 -18.32
CA GLY A 664 31.10 -19.37 -18.75
C GLY A 664 31.41 -18.17 -19.62
N GLY A 665 32.63 -18.17 -20.16
CA GLY A 665 33.09 -17.11 -21.04
C GLY A 665 33.16 -15.75 -20.36
N SER A 666 33.06 -14.72 -21.18
CA SER A 666 33.14 -13.35 -20.72
C SER A 666 31.79 -12.74 -20.40
N ASN A 667 31.85 -11.60 -19.73
CA ASN A 667 30.65 -10.88 -19.35
C ASN A 667 29.97 -10.31 -20.58
N HIS A 668 28.65 -10.24 -20.50
CA HIS A 668 27.89 -9.60 -21.55
C HIS A 668 27.92 -8.13 -21.22
N THR A 669 27.81 -7.28 -22.23
CA THR A 669 27.78 -5.85 -21.98
C THR A 669 26.68 -5.21 -22.79
N PHE A 670 26.27 -4.03 -22.35
CA PHE A 670 25.22 -3.31 -23.03
C PHE A 670 25.01 -1.97 -22.36
N THR A 671 24.49 -1.02 -23.12
CA THR A 671 24.24 0.30 -22.59
C THR A 671 22.75 0.55 -22.44
N ALA A 672 22.31 0.73 -21.20
CA ALA A 672 20.91 0.95 -20.94
C ALA A 672 20.39 2.17 -21.69
N PRO A 673 19.16 2.10 -22.18
CA PRO A 673 18.59 3.24 -22.87
C PRO A 673 18.52 4.42 -21.92
N SER A 674 18.39 5.62 -22.47
CA SER A 674 18.30 6.79 -21.62
C SER A 674 16.84 7.07 -21.30
N SER A 675 15.98 6.36 -22.02
CA SER A 675 14.54 6.50 -21.87
C SER A 675 13.84 5.35 -22.58
N GLY A 676 12.61 5.06 -22.19
CA GLY A 676 11.88 3.98 -22.78
C GLY A 676 12.45 2.63 -22.36
N THR A 677 12.14 1.60 -23.13
CA THR A 677 12.60 0.27 -22.81
C THR A 677 13.58 -0.29 -23.82
N ALA A 678 13.94 -1.55 -23.61
CA ALA A 678 14.85 -2.27 -24.47
C ALA A 678 14.78 -3.75 -24.16
N THR A 679 15.36 -4.57 -25.04
CA THR A 679 15.36 -6.00 -24.86
C THR A 679 16.71 -6.63 -25.20
N ILE A 680 17.39 -7.14 -24.18
CA ILE A 680 18.68 -7.77 -24.36
C ILE A 680 18.54 -9.27 -24.53
N ASN A 681 18.82 -9.75 -25.73
CA ASN A 681 18.75 -11.17 -26.04
C ASN A 681 20.13 -11.76 -26.18
N VAL A 682 20.46 -12.71 -25.32
CA VAL A 682 21.76 -13.35 -25.34
C VAL A 682 21.66 -14.85 -25.22
N ASN A 683 22.76 -15.53 -25.49
CA ASN A 683 22.80 -16.97 -25.40
C ASN A 683 23.68 -17.41 -24.25
N TRP A 684 23.17 -18.34 -23.46
CA TRP A 684 23.92 -18.86 -22.32
C TRP A 684 25.31 -19.31 -22.76
N GLN A 685 26.33 -18.86 -22.04
CA GLN A 685 27.71 -19.24 -22.32
C GLN A 685 28.15 -20.38 -21.42
N PRO A 686 28.68 -21.44 -22.02
CA PRO A 686 29.11 -22.59 -21.25
C PRO A 686 30.54 -22.42 -20.75
#